data_5TPN
#
_entry.id   5TPN
#
_cell.length_a   148.250
_cell.length_b   148.250
_cell.length_c   538.520
_cell.angle_alpha   90.00
_cell.angle_beta   90.00
_cell.angle_gamma   120.00
#
_symmetry.space_group_name_H-M   'H 3 2'
#
loop_
_entity.id
_entity.type
_entity.pdbx_description
1 polymer 'Fusion glycoprotein F0,Fibritin'
2 polymer 'hRSV90 heavy chain'
3 polymer 'hRSV0 light chain'
#
loop_
_entity_poly.entity_id
_entity_poly.type
_entity_poly.pdbx_seq_one_letter_code
_entity_poly.pdbx_strand_id
1 'polypeptide(L)'
;NITEEFYQSTCSAVSKGYLSALRTGWYTSVITIELSNIKKIKCNGTDAKIKLIKQELDKYKNAVTELQLLMQSTPATNNQ
ARGSGSGRSLGFLLGVGSAIASGVAVSKVLHLEGEVNKIKSALLSTNKAVVSLSNGVSVLTSKVLDLKNYIDKQLLPIVN
KQSCSIPNIETVIEFQQKNNRLLEITREFSVNAGVTTPVSTYMLTNSELLSLINDMPITNDQKKLMSNNVQIVRQQSYSI
MSIIKEEVLAYVVQLPLYGVIDTPCWKLHTSPLCTTNTKEGSNICLTRTDRGWYCDNAGSVSFFPQAETCKVQSNRVFCD
TMNSLTLPSEVNLCNVDIFNPKYDCKIMTSKTDVSSSVITSLGAIVSCYGKTKCTASNKNRGIIKTFSNGCDYVSNKGVD
TVSVGNTLYYVNKQEGKSLYVKGEPIINFYDPLVFPSDQFDASISQVNEKINQSLAFIRKSDELLSAIGGYIPEAPRDGQ
AYVRKDGEWVLLSTFLGGLVPRGSHHHHHH
;
A
2 'polypeptide(L)'
;EVQLVESGGGLVQPRRSLRLSCAASGFTFDDYTIHWVRQAPGKGLEWVSGITWNSGYIGYADSVKGRFTISRDNARNSLY
LQMNSLRAEDTALYYCVRDAYVSGSDYYYYGLDVWGRGTLVTVSSASTKGPSVFPLAPSSKSTSGGTAALGCLVKDYFPE
PVTVSWNSGALTSGVHTFPAVLQSSGLYSLSSVVTVPSSSLGTQTYICNVNHKPSNTKVDKKVEP
;
H
3 'polypeptide(L)'
;EIVMTSSPATLSVSPGERVTLFCRASQSVISNLAWYQQKSGQAPRLLIYGASTRATGIPSRFSGSGSGTEFTLTISSLQS
EDFAVYFCQQYNNWPLTFGGGTQVNVQRTVAAPSVFIFPPSDEQLKSGTASVVCLLNNFYPREAKVQWKVDNALQSGNSQ
ESVTEQDSKDSTYSLSSTLTLSKADYEKHKVYACEVTHQGLSSPVTKSFNRGEC
;
L
#
# COMPACT_ATOMS: atom_id res chain seq x y z
N ASN A 1 -20.57 -24.20 8.01
CA ASN A 1 -20.71 -25.64 8.15
C ASN A 1 -21.27 -26.26 6.86
N ILE A 2 -20.85 -27.48 6.61
CA ILE A 2 -21.10 -28.11 5.32
C ILE A 2 -22.23 -29.11 5.46
N THR A 3 -23.16 -29.07 4.49
CA THR A 3 -24.31 -29.98 4.42
C THR A 3 -24.38 -30.60 3.03
N GLU A 4 -25.04 -31.76 2.93
CA GLU A 4 -25.14 -32.39 1.62
C GLU A 4 -26.53 -33.00 1.41
N GLU A 5 -27.12 -32.76 0.23
CA GLU A 5 -28.40 -33.35 -0.13
C GLU A 5 -28.21 -34.30 -1.31
N PHE A 6 -28.69 -35.54 -1.18
CA PHE A 6 -28.64 -36.51 -2.27
C PHE A 6 -30.02 -36.65 -2.89
N TYR A 7 -30.08 -36.65 -4.22
CA TYR A 7 -31.36 -36.74 -4.94
C TYR A 7 -31.42 -38.09 -5.64
N GLN A 8 -32.21 -39.00 -5.08
CA GLN A 8 -32.32 -40.36 -5.59
C GLN A 8 -32.90 -40.39 -7.00
N SER A 9 -33.62 -39.33 -7.35
CA SER A 9 -34.33 -39.24 -8.63
C SER A 9 -33.38 -38.94 -9.77
N THR A 10 -32.45 -38.03 -9.57
CA THR A 10 -31.48 -37.58 -10.58
C THR A 10 -30.08 -38.18 -10.43
N CYS A 11 -29.85 -39.08 -9.48
CA CYS A 11 -28.54 -39.69 -9.22
C CYS A 11 -27.45 -38.61 -9.18
N SER A 12 -27.60 -37.76 -8.17
CA SER A 12 -26.78 -36.58 -8.02
C SER A 12 -26.88 -36.13 -6.58
N ALA A 13 -25.89 -35.35 -6.15
CA ALA A 13 -25.94 -34.74 -4.83
C ALA A 13 -25.43 -33.32 -4.94
N VAL A 14 -25.67 -32.53 -3.91
CA VAL A 14 -25.11 -31.20 -3.82
C VAL A 14 -24.51 -31.02 -2.44
N SER A 15 -23.29 -30.47 -2.41
CA SER A 15 -22.60 -30.11 -1.19
C SER A 15 -22.70 -28.59 -1.04
N LYS A 16 -23.34 -28.16 0.03
CA LYS A 16 -23.73 -26.78 0.23
C LYS A 16 -23.04 -26.26 1.49
N GLY A 17 -22.91 -24.94 1.55
CA GLY A 17 -22.37 -24.28 2.73
C GLY A 17 -20.95 -23.77 2.61
N TYR A 18 -20.37 -23.76 1.42
CA TYR A 18 -19.01 -23.27 1.21
C TYR A 18 -19.02 -21.78 0.88
N LEU A 19 -17.83 -21.21 0.74
CA LEU A 19 -17.63 -19.78 0.59
C LEU A 19 -16.72 -19.46 -0.59
N SER A 20 -17.04 -18.43 -1.37
CA SER A 20 -16.26 -18.23 -2.58
C SER A 20 -15.17 -17.19 -2.75
N ALA A 21 -13.94 -17.66 -2.88
CA ALA A 21 -12.84 -16.77 -3.20
C ALA A 21 -12.62 -16.88 -4.70
N LEU A 22 -13.00 -15.84 -5.42
CA LEU A 22 -13.10 -15.92 -6.87
C LEU A 22 -12.01 -15.05 -7.48
N ARG A 23 -11.16 -15.66 -8.30
CA ARG A 23 -10.13 -14.86 -8.94
C ARG A 23 -10.83 -14.10 -10.05
N THR A 24 -10.96 -12.79 -9.87
CA THR A 24 -11.57 -11.98 -10.90
C THR A 24 -10.57 -11.24 -11.76
N GLY A 25 -9.32 -11.11 -11.33
CA GLY A 25 -8.43 -10.22 -12.06
C GLY A 25 -7.00 -10.34 -11.60
N TRP A 26 -6.16 -9.43 -12.07
CA TRP A 26 -4.74 -9.50 -11.78
C TRP A 26 -4.21 -8.17 -11.29
N TYR A 27 -3.10 -8.27 -10.54
CA TYR A 27 -2.26 -7.12 -10.18
C TYR A 27 -0.81 -7.51 -10.40
N THR A 28 -0.10 -6.74 -11.20
CA THR A 28 1.26 -7.07 -11.60
C THR A 28 2.26 -6.33 -10.72
N SER A 29 3.19 -7.07 -10.14
CA SER A 29 4.27 -6.49 -9.35
C SER A 29 5.59 -6.75 -10.05
N VAL A 30 6.58 -5.89 -9.81
CA VAL A 30 7.89 -6.02 -10.42
C VAL A 30 8.92 -6.35 -9.35
N ILE A 31 9.38 -7.59 -9.36
CA ILE A 31 10.47 -8.08 -8.52
C ILE A 31 11.79 -7.82 -9.24
N THR A 32 12.82 -7.42 -8.48
CA THR A 32 14.14 -7.14 -9.05
C THR A 32 15.24 -7.62 -8.12
N ILE A 33 16.41 -7.78 -8.73
CA ILE A 33 17.65 -8.13 -8.06
C ILE A 33 18.76 -7.33 -8.70
N GLU A 34 19.55 -6.64 -7.87
CA GLU A 34 20.60 -5.80 -8.41
C GLU A 34 21.84 -6.65 -8.67
N LEU A 35 22.41 -6.51 -9.86
CA LEU A 35 23.50 -7.36 -10.32
C LEU A 35 24.66 -6.52 -10.81
N SER A 36 25.82 -6.67 -10.18
CA SER A 36 27.06 -6.11 -10.70
C SER A 36 27.35 -6.72 -12.06
N ASN A 37 27.68 -5.89 -13.05
CA ASN A 37 27.93 -6.40 -14.40
C ASN A 37 29.44 -6.59 -14.53
N ILE A 38 29.90 -7.85 -14.51
CA ILE A 38 31.33 -8.14 -14.51
C ILE A 38 31.64 -9.13 -15.63
N LYS A 39 32.36 -8.67 -16.65
CA LYS A 39 32.78 -9.56 -17.72
C LYS A 39 34.17 -10.14 -17.51
N LYS A 40 34.99 -9.60 -16.61
CA LYS A 40 36.41 -10.00 -16.58
C LYS A 40 36.88 -10.19 -15.15
N ILE A 41 37.28 -11.42 -14.80
CA ILE A 41 37.86 -11.72 -13.50
C ILE A 41 39.36 -11.80 -13.71
N LYS A 42 40.12 -10.79 -13.30
CA LYS A 42 41.57 -10.94 -13.40
C LYS A 42 42.14 -10.88 -11.99
N CYS A 43 42.35 -12.05 -11.41
CA CYS A 43 43.21 -12.22 -10.25
C CYS A 43 43.95 -13.53 -10.45
N ASN A 44 45.27 -13.47 -10.47
CA ASN A 44 46.05 -14.69 -10.61
C ASN A 44 46.50 -15.40 -9.32
N GLY A 45 45.92 -15.17 -8.13
CA GLY A 45 46.50 -15.96 -7.08
C GLY A 45 46.06 -17.38 -7.39
N THR A 46 46.66 -18.32 -6.69
CA THR A 46 46.08 -19.66 -6.59
C THR A 46 46.06 -20.01 -5.11
N ASP A 47 44.87 -19.92 -4.53
CA ASP A 47 44.61 -20.34 -3.17
C ASP A 47 43.21 -20.87 -3.18
N ALA A 48 42.99 -22.02 -2.55
CA ALA A 48 41.70 -22.70 -2.76
C ALA A 48 40.54 -21.74 -2.51
N LYS A 49 40.67 -20.83 -1.55
CA LYS A 49 39.58 -19.90 -1.26
C LYS A 49 39.28 -19.03 -2.49
N ILE A 50 40.30 -18.35 -3.00
CA ILE A 50 40.18 -17.64 -4.27
C ILE A 50 39.57 -18.55 -5.35
N LYS A 51 40.00 -19.80 -5.41
CA LYS A 51 39.49 -20.67 -6.46
C LYS A 51 37.99 -20.86 -6.34
N LEU A 52 37.52 -21.19 -5.13
CA LEU A 52 36.08 -21.40 -4.93
C LEU A 52 35.31 -20.14 -5.26
N ILE A 53 35.79 -18.97 -4.79
CA ILE A 53 35.16 -17.69 -5.11
C ILE A 53 35.06 -17.53 -6.62
N LYS A 54 36.14 -17.82 -7.35
CA LYS A 54 36.11 -17.74 -8.80
C LYS A 54 35.09 -18.72 -9.39
N GLN A 55 34.98 -19.92 -8.82
CA GLN A 55 34.01 -20.87 -9.32
C GLN A 55 32.60 -20.31 -9.21
N GLU A 56 32.24 -19.84 -8.01
CA GLU A 56 30.93 -19.23 -7.83
C GLU A 56 30.73 -18.03 -8.76
N LEU A 57 31.78 -17.23 -8.96
CA LEU A 57 31.68 -16.09 -9.87
C LEU A 57 31.28 -16.56 -11.26
N ASP A 58 31.92 -17.62 -11.74
CA ASP A 58 31.57 -18.13 -13.06
C ASP A 58 30.13 -18.63 -13.11
N LYS A 59 29.69 -19.32 -12.04
CA LYS A 59 28.28 -19.68 -11.94
C LYS A 59 27.38 -18.46 -12.12
N TYR A 60 27.68 -17.37 -11.40
CA TYR A 60 26.93 -16.11 -11.52
C TYR A 60 26.97 -15.56 -12.95
N LYS A 61 28.16 -15.51 -13.55
CA LYS A 61 28.30 -15.05 -14.93
C LYS A 61 27.38 -15.82 -15.87
N ASN A 62 27.47 -17.16 -15.84
CA ASN A 62 26.66 -18.00 -16.73
C ASN A 62 25.18 -17.88 -16.42
N ALA A 63 24.87 -17.57 -15.16
CA ALA A 63 23.50 -17.28 -14.79
C ALA A 63 23.00 -16.04 -15.51
N VAL A 64 23.78 -14.95 -15.42
CA VAL A 64 23.42 -13.73 -16.11
C VAL A 64 23.11 -14.03 -17.56
N THR A 65 24.09 -14.66 -18.24
CA THR A 65 24.00 -14.78 -19.69
C THR A 65 22.86 -15.70 -20.10
N GLU A 66 22.68 -16.81 -19.37
CA GLU A 66 21.48 -17.63 -19.49
C GLU A 66 20.24 -16.76 -19.49
N LEU A 67 20.14 -15.88 -18.48
CA LEU A 67 18.96 -15.03 -18.32
C LEU A 67 18.81 -14.06 -19.48
N GLN A 68 19.92 -13.60 -20.07
CA GLN A 68 19.82 -12.72 -21.22
C GLN A 68 19.22 -13.45 -22.44
N LEU A 69 19.74 -14.64 -22.75
CA LEU A 69 19.09 -15.51 -23.74
C LEU A 69 17.60 -15.68 -23.46
N LEU A 70 17.23 -15.83 -22.18
CA LEU A 70 15.81 -15.90 -21.82
C LEU A 70 15.08 -14.61 -22.18
N MET A 71 15.75 -13.47 -21.98
CA MET A 71 15.11 -12.17 -22.16
C MET A 71 14.79 -11.89 -23.61
N GLN A 72 15.63 -12.38 -24.53
CA GLN A 72 15.39 -12.07 -25.94
C GLN A 72 14.04 -12.61 -26.43
N SER A 73 13.69 -13.84 -26.09
CA SER A 73 12.46 -14.45 -26.58
C SER A 73 11.26 -14.01 -25.75
N THR A 74 10.16 -13.65 -26.43
CA THR A 74 9.02 -13.10 -25.68
C THR A 74 8.27 -14.26 -25.02
N PRO A 75 7.95 -14.15 -23.73
CA PRO A 75 7.55 -15.33 -22.96
C PRO A 75 6.12 -15.75 -23.24
N ALA A 76 5.88 -17.06 -23.18
CA ALA A 76 4.51 -17.52 -23.35
C ALA A 76 4.32 -18.84 -22.63
N THR A 77 3.05 -19.18 -22.44
CA THR A 77 2.61 -20.38 -21.72
C THR A 77 1.25 -20.79 -22.25
N ASN A 78 0.88 -22.03 -21.95
CA ASN A 78 -0.48 -22.53 -22.18
C ASN A 78 -1.07 -22.97 -20.84
N ASN A 79 -2.07 -22.22 -20.34
CA ASN A 79 -2.76 -22.58 -19.10
C ASN A 79 -4.23 -22.14 -19.11
N SER A 86 -15.66 -32.12 -22.80
CA SER A 86 -14.76 -33.27 -22.86
C SER A 86 -15.51 -34.60 -22.69
N GLY A 87 -15.64 -35.00 -21.44
CA GLY A 87 -16.30 -36.21 -20.97
C GLY A 87 -17.74 -35.94 -20.61
N ARG A 88 -18.10 -36.40 -19.41
CA ARG A 88 -19.37 -36.09 -18.76
C ARG A 88 -19.36 -34.71 -18.11
N SER A 89 -18.32 -33.92 -18.36
CA SER A 89 -18.21 -32.55 -17.89
C SER A 89 -18.59 -31.59 -19.02
N LEU A 90 -19.06 -30.42 -18.63
CA LEU A 90 -19.44 -29.37 -19.55
C LEU A 90 -18.26 -28.52 -20.02
N GLY A 91 -17.03 -28.95 -19.71
CA GLY A 91 -15.87 -28.13 -20.05
C GLY A 91 -15.85 -27.58 -21.46
N PHE A 92 -16.18 -28.42 -22.46
CA PHE A 92 -16.04 -27.98 -23.85
C PHE A 92 -16.77 -26.68 -24.11
N LEU A 93 -17.72 -26.30 -23.24
CA LEU A 93 -18.46 -25.06 -23.37
C LEU A 93 -17.65 -23.83 -22.96
N LEU A 94 -16.48 -24.02 -22.37
CA LEU A 94 -15.77 -22.90 -21.78
C LEU A 94 -15.16 -22.00 -22.84
N GLY A 95 -14.91 -20.75 -22.44
CA GLY A 95 -14.14 -19.84 -23.25
C GLY A 95 -12.64 -20.12 -23.18
N VAL A 96 -11.90 -19.32 -23.91
CA VAL A 96 -10.45 -19.44 -24.03
C VAL A 96 -9.81 -18.09 -23.78
N GLY A 97 -8.75 -18.06 -22.95
CA GLY A 97 -8.19 -16.81 -22.50
C GLY A 97 -6.67 -16.86 -22.42
N SER A 98 -6.08 -15.68 -22.32
CA SER A 98 -4.63 -15.56 -22.24
C SER A 98 -4.27 -15.27 -20.80
N ALA A 99 -3.74 -16.28 -20.10
CA ALA A 99 -3.56 -16.11 -18.65
C ALA A 99 -2.60 -14.95 -18.35
N ILE A 100 -1.43 -14.96 -18.97
CA ILE A 100 -0.38 -14.05 -18.54
C ILE A 100 -0.43 -12.78 -19.35
N ALA A 101 -1.50 -12.61 -20.14
CA ALA A 101 -1.56 -11.46 -21.03
C ALA A 101 -1.21 -10.16 -20.30
N SER A 102 -1.88 -9.91 -19.17
CA SER A 102 -1.63 -8.74 -18.33
C SER A 102 -0.15 -8.58 -18.00
N GLY A 103 0.34 -9.52 -17.20
CA GLY A 103 1.75 -9.51 -16.84
C GLY A 103 2.67 -9.33 -18.03
N VAL A 104 2.35 -9.96 -19.17
CA VAL A 104 3.24 -9.83 -20.31
C VAL A 104 3.24 -8.39 -20.82
N ALA A 105 2.07 -7.74 -20.83
CA ALA A 105 2.03 -6.33 -21.22
C ALA A 105 2.95 -5.49 -20.32
N VAL A 106 2.94 -5.74 -19.02
CA VAL A 106 3.87 -5.03 -18.13
C VAL A 106 5.32 -5.33 -18.51
N SER A 107 5.64 -6.62 -18.71
CA SER A 107 6.98 -7.02 -19.13
C SER A 107 7.42 -6.24 -20.37
N LYS A 108 6.54 -6.13 -21.36
CA LYS A 108 6.86 -5.28 -22.48
C LYS A 108 7.21 -3.88 -21.99
N VAL A 109 6.32 -3.26 -21.21
CA VAL A 109 6.52 -1.86 -20.77
C VAL A 109 7.88 -1.64 -20.14
N LEU A 110 8.46 -2.69 -19.51
CA LEU A 110 9.75 -2.53 -18.84
C LEU A 110 10.90 -2.35 -19.84
N HIS A 111 10.86 -3.04 -20.99
CA HIS A 111 11.95 -2.92 -21.96
C HIS A 111 12.09 -1.49 -22.47
N LEU A 112 10.98 -0.76 -22.53
CA LEU A 112 10.95 0.58 -23.09
C LEU A 112 12.08 1.42 -22.51
N GLU A 113 12.78 2.13 -23.39
CA GLU A 113 14.03 2.75 -22.98
C GLU A 113 13.77 3.75 -21.86
N GLY A 114 14.59 3.65 -20.81
CA GLY A 114 14.49 4.48 -19.63
C GLY A 114 13.39 4.11 -18.65
N GLU A 115 12.57 3.09 -18.95
CA GLU A 115 11.60 2.64 -17.95
C GLU A 115 12.32 2.03 -16.75
N VAL A 116 13.34 1.22 -16.99
CA VAL A 116 14.10 0.62 -15.90
C VAL A 116 14.54 1.71 -14.92
N ASN A 117 15.13 2.77 -15.44
CA ASN A 117 15.69 3.79 -14.56
C ASN A 117 14.66 4.43 -13.63
N LYS A 118 13.41 4.61 -14.09
CA LYS A 118 12.35 5.00 -13.15
C LYS A 118 12.32 4.07 -11.95
N ILE A 119 12.40 2.77 -12.19
CA ILE A 119 12.32 1.80 -11.10
C ILE A 119 13.58 1.85 -10.24
N LYS A 120 14.75 1.93 -10.86
CA LYS A 120 15.97 2.02 -10.06
C LYS A 120 15.97 3.27 -9.21
N SER A 121 15.35 4.35 -9.70
CA SER A 121 15.30 5.57 -8.94
C SER A 121 14.19 5.58 -7.90
N ALA A 122 13.22 4.68 -8.00
CA ALA A 122 12.22 4.62 -6.95
C ALA A 122 12.71 3.88 -5.72
N LEU A 123 13.71 3.03 -5.87
CA LEU A 123 14.13 2.16 -4.78
C LEU A 123 15.35 2.70 -4.03
N LEU A 124 15.74 3.97 -4.23
CA LEU A 124 16.93 4.49 -3.58
C LEU A 124 16.78 4.50 -2.05
N SER A 125 15.66 5.02 -1.56
CA SER A 125 15.48 5.27 -0.15
C SER A 125 14.65 4.18 0.55
N THR A 126 14.47 3.03 -0.09
CA THR A 126 13.74 1.90 0.54
C THR A 126 13.21 0.89 -0.48
N ASN A 127 13.27 -0.42 -0.16
CA ASN A 127 12.75 -1.39 -1.12
C ASN A 127 11.21 -1.21 -1.22
N LYS A 128 10.49 -2.13 -1.90
CA LYS A 128 9.01 -2.10 -1.91
C LYS A 128 8.45 -0.68 -2.05
N ALA A 129 8.51 -0.10 -3.25
CA ALA A 129 7.85 1.16 -3.44
C ALA A 129 7.08 1.17 -4.75
N VAL A 130 6.11 2.09 -4.84
CA VAL A 130 5.27 2.29 -6.04
C VAL A 130 6.00 3.04 -7.13
N VAL A 131 5.97 2.47 -8.33
CA VAL A 131 6.39 3.13 -9.55
C VAL A 131 5.18 3.20 -10.48
N SER A 132 4.97 4.36 -11.10
CA SER A 132 4.04 4.49 -12.21
C SER A 132 4.85 4.42 -13.50
N LEU A 133 4.38 3.62 -14.45
CA LEU A 133 5.19 3.39 -15.64
C LEU A 133 4.79 4.38 -16.74
N SER A 134 5.53 4.33 -17.86
CA SER A 134 5.32 5.28 -18.95
C SER A 134 3.87 5.35 -19.39
N ASN A 135 3.20 4.21 -19.42
CA ASN A 135 1.79 4.15 -19.74
C ASN A 135 0.93 4.40 -18.52
N GLY A 136 1.53 4.78 -17.40
CA GLY A 136 0.75 5.21 -16.28
C GLY A 136 0.01 4.11 -15.56
N VAL A 137 0.27 2.86 -15.90
CA VAL A 137 -0.15 1.74 -15.05
C VAL A 137 0.81 1.69 -13.88
N SER A 138 0.28 1.78 -12.66
CA SER A 138 1.17 1.85 -11.51
C SER A 138 1.25 0.49 -10.84
N VAL A 139 2.45 0.15 -10.39
CA VAL A 139 2.79 -1.17 -9.93
C VAL A 139 3.71 -1.06 -8.73
N LEU A 140 3.62 -2.05 -7.86
CA LEU A 140 4.60 -2.21 -6.81
C LEU A 140 5.88 -2.73 -7.42
N THR A 141 7.01 -2.23 -6.94
CA THR A 141 8.31 -2.82 -7.24
C THR A 141 9.00 -3.17 -5.94
N SER A 142 9.47 -4.40 -5.84
CA SER A 142 10.20 -4.88 -4.69
C SER A 142 11.56 -5.40 -5.14
N LYS A 143 12.63 -4.99 -4.44
CA LYS A 143 13.97 -5.51 -4.70
C LYS A 143 14.29 -6.54 -3.64
N VAL A 144 14.30 -7.82 -4.03
CA VAL A 144 14.54 -8.84 -3.01
C VAL A 144 15.99 -9.25 -2.88
N LEU A 145 16.87 -8.83 -3.79
CA LEU A 145 18.27 -9.21 -3.56
C LEU A 145 19.25 -8.16 -4.09
N ASP A 146 20.21 -7.75 -3.25
CA ASP A 146 21.11 -6.63 -3.58
C ASP A 146 22.47 -7.08 -4.13
N LEU A 147 22.57 -8.27 -4.70
CA LEU A 147 23.82 -8.96 -5.01
C LEU A 147 24.94 -8.04 -5.48
N LYS A 148 24.61 -7.04 -6.32
CA LYS A 148 25.61 -6.04 -6.69
C LYS A 148 26.24 -5.43 -5.46
N ASN A 149 25.45 -5.11 -4.42
CA ASN A 149 26.04 -4.53 -3.23
C ASN A 149 27.06 -5.47 -2.62
N TYR A 150 26.70 -6.74 -2.40
CA TYR A 150 27.64 -7.65 -1.76
C TYR A 150 28.91 -7.79 -2.58
N ILE A 151 28.76 -7.94 -3.90
CA ILE A 151 29.92 -8.00 -4.79
C ILE A 151 30.85 -6.81 -4.54
N ASP A 152 30.28 -5.60 -4.43
CA ASP A 152 31.11 -4.41 -4.23
C ASP A 152 31.75 -4.39 -2.85
N LYS A 153 30.91 -4.44 -1.81
CA LYS A 153 31.34 -4.34 -0.43
C LYS A 153 32.18 -5.54 -0.01
N GLN A 154 32.35 -6.55 -0.86
CA GLN A 154 32.98 -7.79 -0.41
C GLN A 154 34.02 -8.38 -1.36
N LEU A 155 33.64 -8.63 -2.59
CA LEU A 155 34.52 -9.35 -3.48
C LEU A 155 35.33 -8.46 -4.43
N LEU A 156 35.25 -7.14 -4.32
CA LEU A 156 35.83 -6.31 -5.37
C LEU A 156 37.33 -6.51 -5.61
N PRO A 157 38.18 -6.81 -4.60
CA PRO A 157 39.57 -7.23 -4.91
C PRO A 157 39.70 -8.28 -6.03
N ILE A 158 38.84 -9.30 -6.03
CA ILE A 158 39.02 -10.50 -6.86
C ILE A 158 38.71 -10.26 -8.34
N VAL A 159 37.93 -9.24 -8.66
CA VAL A 159 37.73 -8.93 -10.07
C VAL A 159 38.94 -8.17 -10.63
N ASN A 160 39.31 -7.05 -9.99
CA ASN A 160 40.22 -6.08 -10.59
C ASN A 160 41.67 -6.10 -10.07
N LYS A 161 42.01 -6.91 -9.09
CA LYS A 161 43.39 -7.01 -8.61
C LYS A 161 43.97 -8.37 -8.99
N GLN A 162 45.29 -8.41 -9.12
CA GLN A 162 46.08 -9.59 -9.33
C GLN A 162 46.65 -9.51 -7.94
N SER A 163 46.83 -10.61 -7.21
CA SER A 163 47.31 -10.36 -5.84
C SER A 163 46.82 -8.96 -5.41
N CYS A 164 45.52 -8.70 -5.17
CA CYS A 164 44.39 -9.62 -4.89
C CYS A 164 44.59 -10.42 -3.62
N SER A 165 44.41 -9.71 -2.51
CA SER A 165 44.43 -10.27 -1.17
C SER A 165 43.44 -11.42 -1.02
N ILE A 166 43.78 -12.40 -0.17
CA ILE A 166 43.13 -13.71 -0.12
C ILE A 166 41.88 -13.65 0.76
N PRO A 167 40.71 -14.07 0.26
CA PRO A 167 39.48 -14.04 1.06
C PRO A 167 39.41 -15.17 2.07
N ASN A 168 38.81 -14.86 3.21
CA ASN A 168 38.63 -15.87 4.23
C ASN A 168 37.46 -16.76 3.86
N ILE A 169 37.51 -18.00 4.36
CA ILE A 169 36.55 -19.02 3.93
C ILE A 169 35.12 -18.63 4.29
N GLU A 170 34.93 -17.86 5.38
CA GLU A 170 33.60 -17.36 5.69
C GLU A 170 32.99 -16.61 4.53
N THR A 171 33.80 -15.81 3.82
CA THR A 171 33.28 -15.12 2.65
C THR A 171 32.90 -16.11 1.56
N VAL A 172 33.66 -17.18 1.40
CA VAL A 172 33.31 -18.20 0.41
C VAL A 172 31.91 -18.72 0.67
N ILE A 173 31.67 -19.21 1.90
CA ILE A 173 30.33 -19.71 2.26
C ILE A 173 29.29 -18.65 1.99
N GLU A 174 29.55 -17.44 2.46
CA GLU A 174 28.54 -16.40 2.35
C GLU A 174 28.18 -16.17 0.89
N PHE A 175 29.16 -16.02 0.03
CA PHE A 175 28.82 -15.75 -1.35
C PHE A 175 28.02 -16.90 -1.95
N GLN A 176 28.38 -18.15 -1.64
CA GLN A 176 27.63 -19.29 -2.16
C GLN A 176 26.16 -19.21 -1.75
N GLN A 177 25.93 -18.92 -0.46
CA GLN A 177 24.60 -18.64 0.07
C GLN A 177 23.87 -17.59 -0.76
N LYS A 178 24.49 -16.41 -0.92
CA LYS A 178 23.79 -15.29 -1.54
C LYS A 178 23.48 -15.59 -3.01
N ASN A 179 24.50 -15.98 -3.75
CA ASN A 179 24.40 -16.21 -5.18
C ASN A 179 23.43 -17.34 -5.53
N ASN A 180 23.27 -18.29 -4.60
CA ASN A 180 22.41 -19.45 -4.87
C ASN A 180 21.03 -19.04 -5.36
N ARG A 181 20.41 -18.04 -4.70
CA ARG A 181 19.08 -17.60 -5.11
C ARG A 181 19.03 -17.31 -6.61
N LEU A 182 19.96 -16.49 -7.09
CA LEU A 182 20.04 -16.20 -8.52
C LEU A 182 20.16 -17.48 -9.34
N LEU A 183 21.01 -18.40 -8.88
CA LEU A 183 21.13 -19.63 -9.62
C LEU A 183 19.77 -20.34 -9.72
N GLU A 184 19.02 -20.43 -8.62
CA GLU A 184 17.77 -21.20 -8.67
C GLU A 184 16.72 -20.48 -9.51
N ILE A 185 16.63 -19.16 -9.37
CA ILE A 185 15.67 -18.42 -10.17
C ILE A 185 15.96 -18.64 -11.64
N THR A 186 17.25 -18.66 -11.99
CA THR A 186 17.64 -18.91 -13.36
C THR A 186 17.25 -20.31 -13.81
N ARG A 187 17.58 -21.34 -13.01
CA ARG A 187 17.24 -22.71 -13.37
C ARG A 187 15.74 -22.84 -13.68
N GLU A 188 14.89 -22.29 -12.79
CA GLU A 188 13.45 -22.37 -13.00
C GLU A 188 13.04 -21.70 -14.28
N PHE A 189 13.45 -20.45 -14.47
CA PHE A 189 13.12 -19.79 -15.72
C PHE A 189 13.63 -20.59 -16.93
N SER A 190 14.73 -21.36 -16.79
CA SER A 190 15.27 -22.11 -17.93
C SER A 190 14.37 -23.28 -18.32
N VAL A 191 14.04 -24.15 -17.37
CA VAL A 191 13.26 -25.28 -17.87
C VAL A 191 11.85 -24.84 -18.24
N ASN A 192 11.36 -23.73 -17.68
CA ASN A 192 9.98 -23.31 -17.83
C ASN A 192 9.77 -22.27 -18.93
N ALA A 193 10.78 -22.01 -19.75
CA ALA A 193 10.66 -21.09 -20.88
C ALA A 193 10.16 -19.73 -20.41
N GLY A 194 10.61 -19.33 -19.23
CA GLY A 194 10.42 -17.98 -18.76
C GLY A 194 9.11 -17.68 -18.07
N VAL A 195 8.27 -18.68 -17.81
CA VAL A 195 7.01 -18.46 -17.08
C VAL A 195 6.82 -19.59 -16.09
N THR A 196 6.74 -19.26 -14.80
CA THR A 196 6.55 -20.31 -13.82
C THR A 196 5.23 -20.12 -13.08
N THR A 197 4.53 -21.23 -12.87
CA THR A 197 3.51 -21.30 -11.84
C THR A 197 3.37 -22.69 -11.25
N PRO A 198 3.09 -22.79 -9.96
CA PRO A 198 3.03 -21.74 -8.94
C PRO A 198 4.36 -20.99 -8.75
N VAL A 199 4.37 -19.97 -7.91
CA VAL A 199 5.54 -19.12 -7.78
C VAL A 199 6.29 -19.57 -6.55
N SER A 200 7.62 -19.63 -6.67
CA SER A 200 8.49 -20.33 -5.74
C SER A 200 8.62 -19.58 -4.42
N THR A 201 9.29 -20.24 -3.48
CA THR A 201 9.87 -19.51 -2.38
C THR A 201 11.10 -18.76 -2.84
N TYR A 202 11.74 -19.22 -3.94
CA TYR A 202 12.88 -18.50 -4.52
C TYR A 202 12.45 -17.26 -5.27
N MET A 203 11.28 -17.31 -5.92
CA MET A 203 10.79 -16.15 -6.62
C MET A 203 10.24 -15.10 -5.66
N LEU A 204 9.43 -15.51 -4.68
CA LEU A 204 9.02 -14.63 -3.57
C LEU A 204 9.02 -15.42 -2.26
N THR A 205 9.73 -14.89 -1.27
CA THR A 205 9.70 -15.45 0.08
C THR A 205 8.35 -15.14 0.71
N ASN A 206 7.91 -16.03 1.61
CA ASN A 206 6.67 -15.74 2.32
C ASN A 206 6.67 -14.33 2.88
N SER A 207 7.81 -13.90 3.43
CA SER A 207 7.90 -12.57 4.03
C SER A 207 7.71 -11.49 2.96
N GLU A 208 8.31 -11.70 1.79
CA GLU A 208 8.18 -10.74 0.71
C GLU A 208 6.76 -10.73 0.17
N LEU A 209 6.15 -11.90 -0.01
CA LEU A 209 4.84 -11.92 -0.66
C LEU A 209 3.79 -11.34 0.26
N LEU A 210 3.86 -11.66 1.54
CA LEU A 210 2.99 -10.99 2.49
C LEU A 210 3.24 -9.49 2.48
N SER A 211 4.53 -9.07 2.52
CA SER A 211 4.79 -7.62 2.59
C SER A 211 4.48 -6.91 1.27
N LEU A 212 4.11 -7.67 0.24
CA LEU A 212 3.57 -7.14 -1.00
C LEU A 212 2.06 -6.99 -0.89
N ILE A 213 1.40 -8.11 -0.60
CA ILE A 213 -0.04 -8.20 -0.37
C ILE A 213 -0.45 -7.03 0.48
N ASN A 214 0.26 -6.84 1.59
CA ASN A 214 -0.11 -5.82 2.56
C ASN A 214 -0.24 -4.45 1.93
N ASP A 215 0.60 -4.14 0.96
CA ASP A 215 0.59 -2.82 0.35
C ASP A 215 -0.11 -2.77 -0.99
N MET A 216 -0.65 -3.88 -1.48
CA MET A 216 -1.49 -3.79 -2.64
C MET A 216 -2.70 -2.91 -2.33
N PRO A 217 -3.37 -2.36 -3.40
CA PRO A 217 -4.66 -1.64 -3.27
C PRO A 217 -5.88 -2.55 -3.19
N ILE A 218 -6.17 -3.07 -1.99
CA ILE A 218 -7.34 -3.93 -1.83
C ILE A 218 -7.95 -3.80 -0.44
N THR A 219 -9.08 -4.50 -0.21
CA THR A 219 -9.76 -4.55 1.08
C THR A 219 -8.86 -5.15 2.15
N ASN A 220 -9.05 -4.73 3.39
CA ASN A 220 -8.41 -5.51 4.45
C ASN A 220 -8.97 -6.92 4.52
N ASP A 221 -10.20 -7.12 4.06
CA ASP A 221 -10.68 -8.49 3.95
C ASP A 221 -9.92 -9.24 2.88
N GLN A 222 -9.65 -8.58 1.75
CA GLN A 222 -8.84 -9.20 0.71
C GLN A 222 -7.40 -9.42 1.18
N LYS A 223 -6.78 -8.38 1.74
CA LYS A 223 -5.44 -8.56 2.29
C LYS A 223 -5.41 -9.77 3.24
N LYS A 224 -6.31 -9.76 4.25
CA LYS A 224 -6.41 -10.86 5.20
C LYS A 224 -6.60 -12.20 4.50
N LEU A 225 -7.32 -12.18 3.37
CA LEU A 225 -7.68 -13.42 2.68
C LEU A 225 -6.51 -14.02 1.93
N MET A 226 -5.75 -13.20 1.20
CA MET A 226 -4.55 -13.74 0.57
C MET A 226 -3.55 -14.17 1.64
N SER A 227 -3.23 -13.27 2.57
CA SER A 227 -2.18 -13.57 3.53
C SER A 227 -2.54 -14.70 4.48
N ASN A 228 -3.81 -15.09 4.57
CA ASN A 228 -4.08 -16.36 5.26
C ASN A 228 -3.83 -17.55 4.35
N ASN A 229 -4.03 -17.35 3.06
CA ASN A 229 -4.04 -18.43 2.09
C ASN A 229 -2.82 -18.49 1.19
N VAL A 230 -1.70 -17.90 1.60
CA VAL A 230 -0.55 -17.71 0.72
C VAL A 230 -0.32 -18.92 -0.19
N GLN A 231 -0.31 -20.13 0.38
CA GLN A 231 -0.14 -21.35 -0.42
C GLN A 231 -1.04 -21.38 -1.66
N ILE A 232 -2.31 -20.95 -1.53
CA ILE A 232 -3.18 -20.87 -2.71
C ILE A 232 -2.75 -19.73 -3.62
N VAL A 233 -2.53 -18.55 -3.04
CA VAL A 233 -2.11 -17.39 -3.82
C VAL A 233 -0.96 -17.76 -4.74
N ARG A 234 -0.02 -18.55 -4.24
CA ARG A 234 1.11 -18.96 -5.06
C ARG A 234 0.64 -19.68 -6.30
N GLN A 235 -0.28 -20.63 -6.14
CA GLN A 235 -0.63 -21.45 -7.29
C GLN A 235 -1.43 -20.68 -8.33
N GLN A 236 -2.06 -19.60 -7.92
CA GLN A 236 -2.81 -18.76 -8.82
C GLN A 236 -1.98 -17.61 -9.35
N SER A 237 -0.68 -17.60 -9.11
CA SER A 237 0.19 -16.51 -9.52
C SER A 237 1.18 -16.97 -10.58
N TYR A 238 1.69 -16.03 -11.32
CA TYR A 238 2.72 -16.36 -12.28
C TYR A 238 3.97 -15.51 -12.01
N SER A 239 5.11 -16.06 -12.39
CA SER A 239 6.36 -15.30 -12.46
C SER A 239 6.79 -15.31 -13.91
N ILE A 240 6.95 -14.11 -14.46
CA ILE A 240 7.31 -13.93 -15.86
C ILE A 240 8.67 -13.27 -15.90
N MET A 241 9.66 -13.98 -16.43
CA MET A 241 10.93 -13.36 -16.77
C MET A 241 10.73 -12.21 -17.74
N SER A 242 11.27 -11.04 -17.39
CA SER A 242 11.11 -9.87 -18.22
C SER A 242 12.43 -9.39 -18.81
N ILE A 243 13.27 -8.72 -18.02
CA ILE A 243 14.51 -8.18 -18.56
C ILE A 243 15.63 -8.40 -17.57
N ILE A 244 16.85 -8.29 -18.09
CA ILE A 244 18.04 -8.04 -17.30
C ILE A 244 18.83 -6.99 -18.07
N LYS A 245 18.98 -5.81 -17.50
CA LYS A 245 19.76 -4.77 -18.15
C LYS A 245 20.09 -3.72 -17.09
N GLU A 246 20.95 -2.76 -17.48
CA GLU A 246 21.30 -1.63 -16.62
C GLU A 246 21.56 -2.07 -15.18
N GLU A 247 22.22 -3.23 -14.99
CA GLU A 247 22.64 -3.76 -13.67
C GLU A 247 21.45 -4.17 -12.77
N VAL A 248 20.31 -4.51 -13.36
CA VAL A 248 19.18 -5.01 -12.61
C VAL A 248 18.50 -6.13 -13.42
N LEU A 249 18.30 -7.27 -12.77
CA LEU A 249 17.38 -8.29 -13.24
C LEU A 249 15.99 -7.98 -12.72
N ALA A 250 15.00 -8.05 -13.59
CA ALA A 250 13.63 -7.71 -13.23
C ALA A 250 12.65 -8.66 -13.90
N TYR A 251 11.72 -9.17 -13.10
CA TYR A 251 10.67 -10.05 -13.60
C TYR A 251 9.38 -9.65 -12.92
N VAL A 252 8.27 -9.94 -13.58
CA VAL A 252 6.95 -9.54 -13.09
C VAL A 252 6.30 -10.75 -12.47
N VAL A 253 5.76 -10.57 -11.28
CA VAL A 253 4.89 -11.55 -10.65
C VAL A 253 3.48 -10.98 -10.71
N GLN A 254 2.62 -11.58 -11.54
CA GLN A 254 1.22 -11.18 -11.60
C GLN A 254 0.43 -12.03 -10.63
N LEU A 255 -0.28 -11.36 -9.74
CA LEU A 255 -0.90 -11.93 -8.56
C LEU A 255 -2.42 -11.86 -8.65
N PRO A 256 -3.12 -12.88 -8.14
CA PRO A 256 -4.57 -12.92 -8.31
C PRO A 256 -5.28 -11.88 -7.45
N LEU A 257 -6.17 -11.13 -8.10
CA LEU A 257 -7.14 -10.26 -7.45
C LEU A 257 -8.45 -11.03 -7.29
N TYR A 258 -8.83 -11.26 -6.01
CA TYR A 258 -10.08 -11.91 -5.64
C TYR A 258 -11.12 -10.81 -5.42
N GLY A 259 -12.02 -10.65 -6.38
CA GLY A 259 -12.98 -9.59 -6.34
C GLY A 259 -14.34 -10.03 -5.88
N VAL A 260 -14.50 -11.30 -5.55
CA VAL A 260 -15.75 -11.80 -5.02
C VAL A 260 -15.37 -12.71 -3.87
N ILE A 261 -15.73 -12.30 -2.64
CA ILE A 261 -15.30 -12.95 -1.41
C ILE A 261 -16.54 -13.26 -0.59
N ASP A 262 -16.61 -14.49 -0.09
CA ASP A 262 -17.64 -14.91 0.86
C ASP A 262 -19.05 -14.76 0.26
N THR A 263 -19.31 -15.52 -0.80
CA THR A 263 -20.67 -15.74 -1.27
C THR A 263 -20.88 -17.25 -1.21
N PRO A 264 -22.13 -17.73 -1.27
CA PRO A 264 -22.35 -19.17 -1.14
C PRO A 264 -21.92 -19.94 -2.39
N CYS A 265 -21.41 -21.13 -2.16
CA CYS A 265 -20.91 -22.02 -3.20
C CYS A 265 -21.34 -23.44 -2.88
N TRP A 266 -21.57 -24.22 -3.93
CA TRP A 266 -21.99 -25.60 -3.74
C TRP A 266 -21.36 -26.42 -4.85
N LYS A 267 -21.08 -27.69 -4.54
CA LYS A 267 -20.45 -28.60 -5.49
C LYS A 267 -21.47 -29.64 -5.90
N LEU A 268 -21.78 -29.68 -7.19
CA LEU A 268 -22.78 -30.58 -7.72
C LEU A 268 -22.10 -31.85 -8.19
N HIS A 269 -22.55 -33.00 -7.68
CA HIS A 269 -22.00 -34.31 -8.03
C HIS A 269 -23.00 -35.11 -8.86
N THR A 270 -22.51 -35.83 -9.88
CA THR A 270 -23.34 -36.58 -10.82
C THR A 270 -22.82 -38.01 -11.01
N SER A 271 -23.74 -38.95 -11.18
CA SER A 271 -23.40 -40.35 -11.39
C SER A 271 -24.42 -40.99 -12.32
N PRO A 272 -24.04 -42.06 -13.04
CA PRO A 272 -24.98 -42.71 -13.97
C PRO A 272 -26.29 -43.16 -13.32
N LEU A 273 -27.40 -42.88 -14.00
CA LEU A 273 -28.72 -43.29 -13.56
C LEU A 273 -28.93 -44.46 -14.48
N CYS A 274 -29.96 -45.29 -14.30
CA CYS A 274 -30.04 -46.38 -15.25
C CYS A 274 -31.14 -47.35 -14.81
N THR A 275 -31.58 -48.21 -15.73
CA THR A 275 -32.66 -49.12 -15.36
C THR A 275 -32.09 -50.45 -14.84
N THR A 276 -32.97 -51.26 -14.27
CA THR A 276 -32.63 -52.55 -13.66
C THR A 276 -32.98 -53.75 -14.53
N ASN A 277 -33.42 -53.53 -15.78
CA ASN A 277 -33.98 -54.60 -16.60
C ASN A 277 -33.06 -55.81 -16.61
N THR A 278 -33.62 -56.98 -16.27
CA THR A 278 -32.81 -58.14 -15.92
C THR A 278 -31.99 -58.65 -17.11
N LYS A 279 -32.50 -58.49 -18.33
CA LYS A 279 -31.75 -58.83 -19.53
C LYS A 279 -30.79 -57.71 -19.90
N GLU A 280 -29.61 -58.11 -20.38
CA GLU A 280 -28.49 -57.20 -20.66
C GLU A 280 -28.66 -56.48 -22.00
N GLY A 281 -28.08 -55.28 -22.06
CA GLY A 281 -28.19 -54.42 -23.23
C GLY A 281 -29.55 -53.83 -23.47
N SER A 282 -30.55 -54.23 -22.70
CA SER A 282 -31.92 -53.75 -22.82
C SER A 282 -32.17 -52.50 -21.98
N ASN A 283 -31.13 -51.95 -21.35
CA ASN A 283 -31.26 -50.87 -20.40
C ASN A 283 -31.03 -49.52 -21.06
N ILE A 284 -31.77 -48.52 -20.60
CA ILE A 284 -31.59 -47.13 -20.99
C ILE A 284 -30.96 -46.40 -19.82
N CYS A 285 -30.17 -45.37 -20.13
CA CYS A 285 -29.27 -44.83 -19.13
C CYS A 285 -29.09 -43.33 -19.34
N LEU A 286 -29.08 -42.57 -18.23
CA LEU A 286 -29.12 -41.09 -18.22
C LEU A 286 -28.26 -40.51 -17.10
N THR A 287 -27.36 -39.55 -17.41
CA THR A 287 -26.49 -38.94 -16.39
C THR A 287 -26.38 -37.43 -16.54
N ARG A 288 -26.62 -36.69 -15.45
CA ARG A 288 -26.54 -35.23 -15.50
C ARG A 288 -25.11 -34.78 -15.76
N THR A 289 -24.97 -33.80 -16.65
CA THR A 289 -23.63 -33.33 -17.02
C THR A 289 -23.21 -32.02 -16.36
N ASP A 290 -24.02 -31.45 -15.47
CA ASP A 290 -23.76 -30.16 -14.83
C ASP A 290 -22.77 -30.25 -13.63
N ARG A 291 -21.92 -31.28 -13.63
CA ARG A 291 -20.88 -31.51 -12.62
C ARG A 291 -20.13 -30.23 -12.30
N GLY A 292 -19.67 -30.12 -11.04
CA GLY A 292 -18.70 -29.11 -10.65
C GLY A 292 -19.26 -28.02 -9.75
N TRP A 293 -18.48 -26.94 -9.63
CA TRP A 293 -18.68 -25.89 -8.63
C TRP A 293 -19.61 -24.77 -9.11
N TYR A 294 -20.43 -24.25 -8.20
CA TYR A 294 -21.29 -23.10 -8.45
C TYR A 294 -21.15 -22.09 -7.31
N CYS A 295 -20.98 -20.81 -7.67
CA CYS A 295 -20.95 -19.75 -6.67
C CYS A 295 -21.85 -18.59 -7.08
N ASP A 296 -22.49 -18.00 -6.09
CA ASP A 296 -23.23 -16.76 -6.34
C ASP A 296 -22.24 -15.67 -6.75
N ASN A 297 -22.44 -15.06 -7.91
CA ASN A 297 -21.63 -13.93 -8.34
C ASN A 297 -22.56 -12.88 -8.95
N ALA A 298 -22.71 -11.74 -8.28
CA ALA A 298 -23.32 -10.53 -8.87
C ALA A 298 -24.73 -10.78 -9.43
N GLY A 299 -25.59 -11.39 -8.62
CA GLY A 299 -26.93 -11.73 -9.04
C GLY A 299 -27.04 -12.90 -9.99
N SER A 300 -25.94 -13.34 -10.57
CA SER A 300 -25.92 -14.56 -11.36
C SER A 300 -25.27 -15.67 -10.56
N VAL A 301 -25.19 -16.84 -11.17
CA VAL A 301 -24.39 -17.94 -10.64
C VAL A 301 -23.31 -18.22 -11.66
N SER A 302 -22.08 -18.30 -11.16
CA SER A 302 -20.95 -18.60 -12.02
C SER A 302 -21.04 -20.11 -12.10
N PHE A 303 -20.10 -20.72 -12.79
CA PHE A 303 -20.10 -22.17 -12.92
C PHE A 303 -18.71 -22.60 -13.35
N PHE A 304 -18.11 -23.45 -12.53
CA PHE A 304 -16.81 -24.04 -12.82
C PHE A 304 -17.00 -25.51 -13.13
N PRO A 305 -16.93 -25.88 -14.41
CA PRO A 305 -17.17 -27.26 -14.81
C PRO A 305 -16.02 -28.19 -14.52
N GLN A 306 -14.84 -27.66 -14.23
CA GLN A 306 -13.61 -28.43 -14.15
C GLN A 306 -13.08 -28.40 -12.72
N ALA A 307 -12.93 -29.57 -12.09
CA ALA A 307 -12.47 -29.57 -10.70
C ALA A 307 -11.06 -29.01 -10.56
N GLU A 308 -10.28 -28.97 -11.65
CA GLU A 308 -8.96 -28.36 -11.59
C GLU A 308 -9.03 -26.86 -11.34
N THR A 309 -10.05 -26.18 -11.88
CA THR A 309 -10.15 -24.74 -11.69
C THR A 309 -10.31 -24.37 -10.21
N CYS A 310 -10.92 -25.26 -9.43
CA CYS A 310 -11.25 -24.93 -8.05
C CYS A 310 -10.38 -25.70 -7.08
N LYS A 311 -9.90 -25.00 -6.06
CA LYS A 311 -9.14 -25.59 -4.97
C LYS A 311 -9.87 -25.25 -3.68
N VAL A 312 -9.92 -26.22 -2.76
CA VAL A 312 -10.79 -26.13 -1.60
C VAL A 312 -9.92 -26.00 -0.35
N GLN A 313 -9.85 -24.81 0.27
CA GLN A 313 -9.22 -24.75 1.57
C GLN A 313 -10.31 -24.56 2.63
N SER A 314 -10.52 -25.69 3.31
CA SER A 314 -11.43 -25.81 4.43
C SER A 314 -12.79 -25.47 3.95
N ASN A 315 -13.23 -24.28 4.31
CA ASN A 315 -14.56 -23.90 3.82
C ASN A 315 -14.56 -22.90 2.66
N ARG A 316 -13.41 -22.34 2.30
CA ARG A 316 -13.34 -21.41 1.18
C ARG A 316 -13.00 -22.22 -0.07
N VAL A 317 -13.61 -21.85 -1.18
CA VAL A 317 -13.39 -22.46 -2.49
C VAL A 317 -12.77 -21.39 -3.38
N PHE A 318 -11.48 -21.52 -3.65
CA PHE A 318 -10.79 -20.60 -4.53
C PHE A 318 -10.97 -21.09 -5.97
N CYS A 319 -11.59 -20.28 -6.82
CA CYS A 319 -11.78 -20.68 -8.23
C CYS A 319 -11.31 -19.56 -9.15
N ASP A 320 -11.15 -19.91 -10.41
CA ASP A 320 -10.66 -18.97 -11.40
C ASP A 320 -11.78 -18.69 -12.40
N THR A 321 -12.27 -17.44 -12.41
CA THR A 321 -13.39 -17.13 -13.27
C THR A 321 -13.02 -17.29 -14.73
N MET A 322 -11.73 -17.23 -15.08
CA MET A 322 -11.31 -17.36 -16.48
C MET A 322 -11.85 -18.64 -17.11
N ASN A 323 -11.75 -19.77 -16.40
CA ASN A 323 -12.45 -20.97 -16.86
C ASN A 323 -13.72 -21.14 -16.02
N SER A 324 -14.80 -20.53 -16.51
CA SER A 324 -16.10 -20.48 -15.85
C SER A 324 -17.10 -19.99 -16.88
N LEU A 325 -18.37 -20.27 -16.61
CA LEU A 325 -19.48 -19.63 -17.32
C LEU A 325 -20.36 -18.90 -16.30
N THR A 326 -21.02 -17.83 -16.69
CA THR A 326 -21.98 -17.20 -15.78
C THR A 326 -23.38 -17.36 -16.35
N LEU A 327 -24.18 -18.23 -15.71
CA LEU A 327 -25.51 -18.85 -15.75
C LEU A 327 -26.50 -18.07 -14.90
N PRO A 328 -27.71 -17.90 -15.45
CA PRO A 328 -28.79 -17.29 -14.68
C PRO A 328 -29.18 -18.19 -13.52
N SER A 329 -29.57 -17.54 -12.41
CA SER A 329 -29.71 -18.21 -11.11
C SER A 329 -30.57 -19.48 -11.19
N GLU A 330 -31.51 -19.53 -12.14
CA GLU A 330 -32.49 -20.61 -12.23
C GLU A 330 -31.84 -21.98 -12.47
N VAL A 331 -30.54 -22.02 -12.72
CA VAL A 331 -29.88 -23.32 -12.80
C VAL A 331 -29.97 -24.05 -11.47
N ASN A 332 -30.12 -23.34 -10.35
CA ASN A 332 -30.28 -24.06 -9.09
C ASN A 332 -31.56 -24.89 -9.08
N LEU A 333 -32.40 -24.76 -10.11
CA LEU A 333 -33.61 -25.56 -10.16
C LEU A 333 -33.30 -27.06 -10.22
N CYS A 334 -32.36 -27.46 -11.07
CA CYS A 334 -32.27 -28.90 -11.39
C CYS A 334 -31.86 -29.77 -10.24
N ASN A 335 -31.49 -29.18 -9.13
CA ASN A 335 -31.37 -29.98 -7.93
C ASN A 335 -32.74 -30.26 -7.30
N VAL A 336 -33.80 -29.51 -7.69
CA VAL A 336 -35.19 -29.76 -7.28
C VAL A 336 -36.06 -30.31 -8.43
N ASP A 337 -36.54 -29.44 -9.33
CA ASP A 337 -37.30 -29.90 -10.51
C ASP A 337 -36.35 -29.90 -11.68
N ILE A 338 -35.87 -31.09 -12.05
CA ILE A 338 -34.99 -31.20 -13.19
C ILE A 338 -35.78 -31.05 -14.47
N PHE A 339 -37.09 -31.21 -14.37
CA PHE A 339 -38.03 -31.07 -15.47
C PHE A 339 -38.61 -29.68 -15.56
N ASN A 340 -38.20 -28.76 -14.70
CA ASN A 340 -38.77 -27.42 -14.72
C ASN A 340 -38.39 -26.68 -16.00
N PRO A 341 -39.36 -26.14 -16.74
CA PRO A 341 -39.05 -25.55 -18.05
C PRO A 341 -38.32 -24.22 -18.00
N LYS A 342 -38.33 -23.51 -16.85
CA LYS A 342 -37.68 -22.20 -16.80
C LYS A 342 -36.18 -22.28 -17.03
N TYR A 343 -35.56 -23.41 -16.65
CA TYR A 343 -34.17 -23.68 -16.96
C TYR A 343 -34.05 -25.09 -17.48
N ASP A 344 -33.47 -25.24 -18.66
CA ASP A 344 -33.42 -26.54 -19.34
C ASP A 344 -32.11 -27.23 -18.98
N CYS A 345 -32.16 -28.28 -18.16
CA CYS A 345 -30.92 -28.88 -17.68
C CYS A 345 -30.28 -29.88 -18.62
N LYS A 346 -28.96 -29.87 -18.57
CA LYS A 346 -28.12 -30.59 -19.48
C LYS A 346 -27.84 -31.96 -18.92
N ILE A 347 -27.92 -32.97 -19.80
CA ILE A 347 -27.76 -34.38 -19.46
C ILE A 347 -27.21 -35.11 -20.67
N MET A 348 -26.52 -36.21 -20.41
CA MET A 348 -26.11 -37.14 -21.46
C MET A 348 -26.95 -38.40 -21.30
N THR A 349 -27.14 -39.09 -22.41
CA THR A 349 -27.89 -40.33 -22.43
C THR A 349 -27.08 -41.40 -23.14
N SER A 350 -27.21 -42.64 -22.69
CA SER A 350 -26.57 -43.74 -23.39
C SER A 350 -27.12 -45.06 -22.90
N LYS A 351 -26.67 -46.12 -23.54
CA LYS A 351 -27.13 -47.48 -23.37
C LYS A 351 -26.28 -48.29 -22.40
N THR A 352 -25.19 -47.70 -21.89
CA THR A 352 -24.12 -48.50 -21.27
C THR A 352 -24.26 -48.40 -19.76
N ASP A 353 -24.76 -49.48 -19.15
CA ASP A 353 -24.92 -49.52 -17.70
C ASP A 353 -23.66 -50.15 -17.13
N VAL A 354 -22.83 -49.34 -16.47
CA VAL A 354 -21.56 -49.78 -15.92
C VAL A 354 -21.45 -49.28 -14.49
N SER A 355 -20.98 -50.14 -13.60
CA SER A 355 -20.94 -49.78 -12.19
C SER A 355 -19.91 -48.67 -11.95
N SER A 356 -20.39 -47.57 -11.40
CA SER A 356 -19.58 -46.40 -11.15
C SER A 356 -19.81 -46.01 -9.70
N SER A 357 -18.96 -45.14 -9.19
CA SER A 357 -19.23 -44.57 -7.88
C SER A 357 -18.56 -43.22 -7.83
N VAL A 358 -19.10 -42.33 -7.01
CA VAL A 358 -18.55 -40.99 -6.92
C VAL A 358 -18.49 -40.59 -5.45
N ILE A 359 -17.28 -40.34 -4.94
CA ILE A 359 -17.12 -39.91 -3.55
C ILE A 359 -17.40 -38.42 -3.51
N THR A 360 -18.40 -38.02 -2.74
CA THR A 360 -18.78 -36.63 -2.60
C THR A 360 -18.14 -36.07 -1.36
N SER A 361 -18.47 -34.81 -1.03
CA SER A 361 -17.91 -34.13 0.13
C SER A 361 -18.29 -34.86 1.42
N LEU A 362 -19.59 -35.02 1.66
CA LEU A 362 -20.07 -35.66 2.87
C LEU A 362 -20.44 -37.13 2.68
N GLY A 363 -20.23 -37.71 1.52
CA GLY A 363 -20.63 -39.09 1.34
C GLY A 363 -20.26 -39.64 -0.01
N ALA A 364 -20.96 -40.70 -0.40
CA ALA A 364 -20.67 -41.41 -1.64
C ALA A 364 -21.96 -41.81 -2.36
N ILE A 365 -22.01 -41.50 -3.65
CA ILE A 365 -23.01 -42.00 -4.56
C ILE A 365 -22.49 -43.29 -5.15
N VAL A 366 -23.38 -44.25 -5.37
CA VAL A 366 -22.98 -45.53 -5.96
C VAL A 366 -23.99 -45.93 -7.04
N SER A 367 -23.49 -46.27 -8.22
CA SER A 367 -24.32 -46.77 -9.30
C SER A 367 -23.95 -48.22 -9.54
N CYS A 368 -24.81 -49.14 -9.10
CA CYS A 368 -24.53 -50.58 -9.15
C CYS A 368 -25.43 -51.25 -10.17
N TYR A 369 -24.85 -51.64 -11.30
CA TYR A 369 -25.58 -52.22 -12.41
C TYR A 369 -24.91 -53.53 -12.83
N GLY A 370 -25.73 -54.52 -13.18
CA GLY A 370 -25.17 -55.82 -13.53
C GLY A 370 -24.85 -56.64 -12.29
N LYS A 371 -24.04 -57.65 -12.49
CA LYS A 371 -23.73 -58.53 -11.37
C LYS A 371 -22.65 -57.94 -10.46
N THR A 372 -22.25 -56.69 -10.70
CA THR A 372 -21.18 -56.07 -9.92
C THR A 372 -21.54 -55.97 -8.45
N LYS A 373 -20.56 -56.23 -7.58
CA LYS A 373 -20.79 -56.20 -6.14
C LYS A 373 -20.44 -54.82 -5.60
N CYS A 374 -21.41 -54.17 -4.94
CA CYS A 374 -21.22 -52.84 -4.38
C CYS A 374 -21.57 -52.87 -2.90
N THR A 375 -20.66 -52.39 -2.07
CA THR A 375 -20.81 -52.48 -0.63
C THR A 375 -20.18 -51.26 0.01
N ALA A 376 -20.61 -50.99 1.23
CA ALA A 376 -19.98 -49.97 2.07
C ALA A 376 -19.64 -50.63 3.39
N SER A 377 -18.43 -50.36 3.88
CA SER A 377 -17.91 -50.92 5.11
C SER A 377 -17.29 -49.86 6.02
N ASN A 378 -17.22 -50.24 7.31
CA ASN A 378 -16.65 -49.49 8.41
C ASN A 378 -15.35 -50.15 8.85
N LYS A 379 -14.43 -49.36 9.38
CA LYS A 379 -13.12 -49.92 9.70
C LYS A 379 -13.19 -50.99 10.79
N ASN A 380 -14.29 -51.02 11.59
CA ASN A 380 -14.49 -51.97 12.68
C ASN A 380 -15.49 -53.05 12.32
N ARG A 381 -16.74 -52.66 12.08
CA ARG A 381 -17.84 -53.57 11.91
C ARG A 381 -17.78 -54.36 10.60
N GLY A 382 -16.81 -54.12 9.72
CA GLY A 382 -16.80 -54.78 8.41
C GLY A 382 -17.81 -54.15 7.46
N ILE A 383 -18.24 -54.92 6.45
CA ILE A 383 -19.28 -54.41 5.56
C ILE A 383 -20.52 -54.12 6.39
N ILE A 384 -21.00 -52.88 6.36
CA ILE A 384 -22.26 -52.56 7.01
C ILE A 384 -23.42 -52.31 6.06
N LYS A 385 -23.20 -52.26 4.75
CA LYS A 385 -24.36 -52.24 3.85
C LYS A 385 -23.98 -52.85 2.51
N THR A 386 -24.91 -53.60 1.92
CA THR A 386 -24.77 -54.10 0.55
C THR A 386 -25.81 -53.44 -0.33
N PHE A 387 -25.38 -52.93 -1.48
CA PHE A 387 -26.23 -52.17 -2.37
C PHE A 387 -26.89 -53.09 -3.39
N SER A 388 -28.15 -52.81 -3.67
CA SER A 388 -28.89 -53.49 -4.72
C SER A 388 -28.57 -52.82 -6.06
N ASN A 389 -29.27 -53.21 -7.12
CA ASN A 389 -29.05 -52.60 -8.42
C ASN A 389 -29.80 -51.28 -8.50
N GLY A 390 -29.08 -50.23 -8.88
CA GLY A 390 -29.65 -48.90 -8.95
C GLY A 390 -28.61 -47.86 -8.56
N CYS A 391 -29.08 -46.64 -8.40
CA CYS A 391 -28.26 -45.54 -7.92
C CYS A 391 -28.65 -45.20 -6.48
N ASP A 392 -27.73 -45.41 -5.54
CA ASP A 392 -27.95 -45.16 -4.13
C ASP A 392 -26.89 -44.20 -3.59
N TYR A 393 -26.95 -43.93 -2.29
CA TYR A 393 -26.04 -43.02 -1.62
C TYR A 393 -25.84 -43.49 -0.17
N VAL A 394 -24.70 -43.10 0.40
CA VAL A 394 -24.43 -43.35 1.81
C VAL A 394 -23.62 -42.19 2.37
N SER A 395 -23.96 -41.78 3.59
CA SER A 395 -23.27 -40.68 4.25
C SER A 395 -21.88 -41.12 4.69
N ASN A 396 -21.02 -40.11 4.94
CA ASN A 396 -19.69 -40.37 5.48
C ASN A 396 -19.72 -40.69 6.97
N LYS A 397 -20.82 -40.41 7.67
CA LYS A 397 -20.94 -40.77 9.08
C LYS A 397 -20.99 -42.28 9.21
N GLY A 398 -20.12 -42.84 10.04
CA GLY A 398 -20.09 -44.27 10.28
C GLY A 398 -19.57 -45.12 9.15
N VAL A 399 -19.23 -44.51 8.01
CA VAL A 399 -18.65 -45.24 6.89
C VAL A 399 -17.23 -44.76 6.68
N ASP A 400 -16.37 -45.70 6.31
CA ASP A 400 -15.02 -45.39 5.89
C ASP A 400 -14.84 -45.74 4.41
N THR A 401 -15.06 -46.99 4.05
CA THR A 401 -14.78 -47.42 2.70
C THR A 401 -16.04 -47.71 1.90
N VAL A 402 -15.99 -47.44 0.61
CA VAL A 402 -17.04 -47.81 -0.32
C VAL A 402 -16.37 -48.60 -1.45
N SER A 403 -16.69 -49.89 -1.54
CA SER A 403 -16.05 -50.79 -2.49
C SER A 403 -17.05 -51.10 -3.60
N VAL A 404 -16.63 -50.94 -4.84
CA VAL A 404 -17.49 -51.13 -6.02
C VAL A 404 -16.70 -51.93 -7.05
N GLY A 405 -17.21 -53.10 -7.41
CA GLY A 405 -16.40 -53.94 -8.27
C GLY A 405 -15.10 -54.26 -7.59
N ASN A 406 -13.99 -54.07 -8.30
CA ASN A 406 -12.68 -54.29 -7.69
C ASN A 406 -12.02 -53.01 -7.18
N THR A 407 -12.66 -51.86 -7.29
CA THR A 407 -12.03 -50.62 -6.86
C THR A 407 -12.53 -50.29 -5.45
N LEU A 408 -11.60 -50.00 -4.54
CA LEU A 408 -11.91 -49.66 -3.16
C LEU A 408 -11.71 -48.17 -2.90
N TYR A 409 -12.81 -47.43 -2.72
CA TYR A 409 -12.76 -45.97 -2.51
C TYR A 409 -12.77 -45.65 -1.01
N TYR A 410 -11.96 -44.69 -0.59
CA TYR A 410 -12.11 -44.15 0.76
C TYR A 410 -12.94 -42.88 0.64
N VAL A 411 -13.78 -42.62 1.66
CA VAL A 411 -14.63 -41.43 1.69
C VAL A 411 -13.97 -40.37 2.54
N ASN A 412 -14.14 -39.09 2.16
CA ASN A 412 -13.67 -38.00 3.01
C ASN A 412 -14.36 -38.06 4.36
N LYS A 413 -13.61 -37.82 5.42
CA LYS A 413 -14.19 -37.88 6.74
C LYS A 413 -14.57 -36.50 7.30
N GLN A 414 -14.48 -35.42 6.51
CA GLN A 414 -14.86 -34.10 7.05
C GLN A 414 -16.35 -34.05 7.38
N GLU A 415 -16.66 -33.29 8.44
CA GLU A 415 -17.93 -33.35 9.15
C GLU A 415 -19.02 -32.56 8.44
N GLY A 416 -20.26 -32.93 8.72
CA GLY A 416 -21.43 -32.21 8.25
C GLY A 416 -22.64 -33.11 8.24
N LYS A 417 -23.80 -32.48 8.02
CA LYS A 417 -25.07 -33.21 8.05
C LYS A 417 -25.52 -33.54 6.63
N SER A 418 -26.00 -34.77 6.47
CA SER A 418 -26.28 -35.36 5.17
C SER A 418 -27.74 -35.80 5.13
N LEU A 419 -28.47 -35.34 4.12
CA LEU A 419 -29.90 -35.62 3.97
C LEU A 419 -30.15 -36.36 2.66
N TYR A 420 -30.77 -37.55 2.78
CA TYR A 420 -31.20 -38.36 1.63
C TYR A 420 -32.59 -37.93 1.19
N VAL A 421 -32.76 -37.58 -0.08
CA VAL A 421 -34.03 -37.10 -0.60
C VAL A 421 -34.55 -38.08 -1.64
N LYS A 422 -35.57 -38.86 -1.24
CA LYS A 422 -36.10 -39.91 -2.10
C LYS A 422 -36.73 -39.31 -3.35
N GLY A 423 -36.91 -40.14 -4.36
CA GLY A 423 -37.52 -39.69 -5.59
C GLY A 423 -37.73 -40.85 -6.54
N GLU A 424 -38.67 -40.63 -7.54
CA GLU A 424 -38.54 -41.82 -8.35
C GLU A 424 -37.47 -41.59 -9.41
N PRO A 425 -36.62 -42.59 -9.67
CA PRO A 425 -35.53 -42.39 -10.62
C PRO A 425 -36.09 -42.00 -11.98
N ILE A 426 -35.69 -40.83 -12.45
CA ILE A 426 -36.32 -40.24 -13.60
C ILE A 426 -36.08 -41.07 -14.85
N ILE A 427 -35.11 -42.00 -14.79
CA ILE A 427 -34.97 -42.93 -15.90
C ILE A 427 -36.24 -43.73 -16.11
N ASN A 428 -37.09 -43.84 -15.08
CA ASN A 428 -38.29 -44.65 -15.19
C ASN A 428 -39.38 -43.99 -16.03
N PHE A 429 -39.38 -42.66 -16.16
CA PHE A 429 -40.44 -41.95 -16.86
C PHE A 429 -40.27 -42.00 -18.38
N TYR A 430 -39.27 -42.69 -18.87
CA TYR A 430 -38.95 -42.69 -20.29
C TYR A 430 -39.37 -44.02 -20.91
N ASP A 431 -39.94 -43.96 -22.10
CA ASP A 431 -40.29 -45.18 -22.83
C ASP A 431 -39.06 -45.70 -23.55
N PRO A 432 -38.56 -46.89 -23.22
CA PRO A 432 -37.35 -47.40 -23.87
C PRO A 432 -37.38 -47.29 -25.37
N LEU A 433 -38.55 -47.36 -25.99
CA LEU A 433 -38.60 -47.50 -27.44
C LEU A 433 -38.33 -46.17 -28.13
N VAL A 434 -38.87 -45.07 -27.60
CA VAL A 434 -38.66 -43.76 -28.20
C VAL A 434 -37.52 -42.99 -27.54
N PHE A 435 -36.82 -43.59 -26.59
CA PHE A 435 -35.81 -42.88 -25.79
C PHE A 435 -34.46 -42.96 -26.49
N PRO A 436 -33.92 -41.84 -27.00
CA PRO A 436 -32.61 -41.89 -27.68
C PRO A 436 -31.46 -42.05 -26.69
N SER A 437 -30.57 -42.98 -27.00
CA SER A 437 -29.29 -43.13 -26.31
C SER A 437 -28.12 -42.56 -27.09
N ASP A 438 -28.38 -41.97 -28.25
CA ASP A 438 -27.31 -41.44 -29.09
C ASP A 438 -26.95 -40.00 -28.72
N GLN A 439 -27.54 -39.47 -27.65
CA GLN A 439 -27.30 -38.08 -27.26
C GLN A 439 -26.11 -38.02 -26.30
N PHE A 440 -24.98 -37.49 -26.79
CA PHE A 440 -23.78 -37.36 -25.97
C PHE A 440 -23.85 -36.08 -25.14
N ASP A 441 -23.80 -34.93 -25.82
CA ASP A 441 -24.11 -33.63 -25.21
C ASP A 441 -25.57 -33.28 -25.52
N ALA A 442 -26.37 -33.13 -24.47
CA ALA A 442 -27.81 -33.00 -24.64
C ALA A 442 -28.41 -32.28 -23.44
N SER A 443 -29.66 -31.87 -23.60
CA SER A 443 -30.48 -31.28 -22.54
C SER A 443 -31.67 -32.19 -22.22
N ILE A 444 -32.51 -31.76 -21.28
CA ILE A 444 -33.75 -32.47 -21.01
C ILE A 444 -34.71 -32.30 -22.19
N SER A 445 -34.84 -31.06 -22.64
CA SER A 445 -35.80 -30.74 -23.70
C SER A 445 -35.33 -31.25 -25.06
N GLN A 446 -34.02 -31.36 -25.29
CA GLN A 446 -33.54 -31.93 -26.56
C GLN A 446 -33.85 -33.42 -26.64
N VAL A 447 -33.79 -34.12 -25.49
CA VAL A 447 -34.24 -35.51 -25.44
C VAL A 447 -35.75 -35.57 -25.66
N ASN A 448 -36.50 -34.70 -24.98
CA ASN A 448 -37.93 -34.59 -25.24
C ASN A 448 -38.21 -34.37 -26.72
N GLU A 449 -37.30 -33.67 -27.42
CA GLU A 449 -37.48 -33.30 -28.82
C GLU A 449 -37.21 -34.47 -29.75
N LYS A 450 -36.09 -35.19 -29.54
CA LYS A 450 -35.84 -36.39 -30.34
C LYS A 450 -36.94 -37.43 -30.07
N ILE A 451 -37.51 -37.41 -28.87
CA ILE A 451 -38.65 -38.28 -28.58
C ILE A 451 -39.89 -37.82 -29.33
N ASN A 452 -40.20 -36.52 -29.27
CA ASN A 452 -41.38 -36.02 -29.95
C ASN A 452 -41.32 -36.26 -31.47
N GLN A 453 -40.11 -36.24 -32.06
CA GLN A 453 -40.00 -36.60 -33.48
C GLN A 453 -40.21 -38.10 -33.70
N SER A 454 -39.62 -38.95 -32.85
CA SER A 454 -39.76 -40.39 -33.09
C SER A 454 -41.14 -40.92 -32.71
N LEU A 455 -41.92 -40.17 -31.91
CA LEU A 455 -43.34 -40.45 -31.70
C LEU A 455 -44.18 -39.87 -32.83
N ALA A 456 -43.78 -38.69 -33.33
CA ALA A 456 -44.47 -38.07 -34.45
C ALA A 456 -44.56 -39.03 -35.63
N PHE A 457 -43.41 -39.56 -36.09
CA PHE A 457 -43.50 -40.40 -37.28
C PHE A 457 -44.31 -41.67 -37.04
N ILE A 458 -44.51 -42.07 -35.78
CA ILE A 458 -45.49 -43.10 -35.46
C ILE A 458 -46.91 -42.57 -35.66
N ARG A 459 -47.18 -41.36 -35.17
CA ARG A 459 -48.51 -40.79 -35.34
C ARG A 459 -48.87 -40.69 -36.81
N LYS A 460 -47.99 -40.08 -37.63
CA LYS A 460 -48.26 -39.96 -39.06
C LYS A 460 -48.41 -41.32 -39.72
N SER A 461 -47.52 -42.27 -39.46
CA SER A 461 -47.64 -43.54 -40.17
C SER A 461 -48.90 -44.30 -39.77
N ASP A 462 -49.31 -44.22 -38.50
CA ASP A 462 -50.53 -44.90 -38.07
C ASP A 462 -51.77 -44.22 -38.62
N GLU A 463 -51.78 -42.89 -38.68
CA GLU A 463 -52.94 -42.21 -39.24
C GLU A 463 -53.03 -42.39 -40.76
N LEU A 464 -51.91 -42.47 -41.47
CA LEU A 464 -51.98 -42.81 -42.90
C LEU A 464 -52.48 -44.22 -43.10
N LEU A 465 -51.96 -45.18 -42.32
CA LEU A 465 -52.46 -46.54 -42.45
C LEU A 465 -53.94 -46.64 -42.13
N SER A 466 -54.46 -45.84 -41.18
CA SER A 466 -55.89 -45.89 -40.93
C SER A 466 -56.69 -45.07 -41.94
N ALA A 467 -56.04 -44.13 -42.65
CA ALA A 467 -56.74 -43.28 -43.62
C ALA A 467 -57.05 -44.01 -44.91
N ILE A 468 -56.22 -45.00 -45.30
CA ILE A 468 -56.55 -45.83 -46.45
C ILE A 468 -57.57 -46.91 -46.11
N GLY A 469 -57.95 -47.05 -44.84
CA GLY A 469 -59.08 -47.89 -44.50
C GLY A 469 -60.33 -47.46 -45.24
N GLY A 470 -60.61 -46.14 -45.23
CA GLY A 470 -61.79 -45.57 -45.83
C GLY A 470 -61.80 -45.54 -47.35
N TYR A 471 -60.88 -46.21 -48.00
CA TYR A 471 -60.82 -46.25 -49.45
C TYR A 471 -61.14 -47.67 -49.91
N ILE A 472 -61.71 -47.79 -51.11
CA ILE A 472 -62.26 -49.08 -51.51
C ILE A 472 -61.29 -49.91 -52.33
N PRO A 473 -61.23 -51.25 -52.09
CA PRO A 473 -60.34 -52.14 -52.84
C PRO A 473 -60.74 -52.30 -54.29
N GLU A 474 -60.05 -53.17 -55.00
CA GLU A 474 -60.46 -53.54 -56.34
C GLU A 474 -61.56 -54.59 -56.25
N ALA A 475 -62.57 -54.43 -57.08
CA ALA A 475 -63.58 -55.44 -57.23
C ALA A 475 -62.99 -56.67 -57.91
N PRO A 476 -63.67 -57.81 -57.84
CA PRO A 476 -63.20 -59.02 -58.51
C PRO A 476 -62.82 -58.77 -59.97
N ARG A 477 -61.92 -59.63 -60.47
CA ARG A 477 -61.43 -59.55 -61.84
C ARG A 477 -62.16 -60.48 -62.80
N ASP A 478 -63.31 -61.00 -62.39
CA ASP A 478 -63.92 -62.19 -62.97
C ASP A 478 -64.65 -61.95 -64.28
N GLY A 479 -64.57 -60.76 -64.86
CA GLY A 479 -65.33 -60.56 -66.08
C GLY A 479 -66.78 -60.20 -65.86
N GLN A 480 -67.14 -59.82 -64.65
CA GLN A 480 -68.43 -59.25 -64.34
C GLN A 480 -68.26 -57.80 -63.89
N ALA A 481 -69.31 -57.03 -64.07
CA ALA A 481 -69.35 -55.65 -63.62
C ALA A 481 -69.89 -55.59 -62.21
N TYR A 482 -69.29 -54.75 -61.39
CA TYR A 482 -69.64 -54.66 -59.98
C TYR A 482 -70.02 -53.26 -59.59
N VAL A 483 -70.99 -53.15 -58.70
CA VAL A 483 -71.47 -51.89 -58.18
C VAL A 483 -71.22 -51.90 -56.67
N ARG A 484 -71.15 -50.71 -56.06
CA ARG A 484 -70.91 -50.60 -54.62
C ARG A 484 -72.23 -50.53 -53.88
N LYS A 485 -72.45 -51.44 -52.91
CA LYS A 485 -73.61 -51.40 -52.01
C LYS A 485 -73.20 -51.77 -50.60
N ASP A 486 -73.46 -50.86 -49.63
CA ASP A 486 -73.12 -50.97 -48.20
C ASP A 486 -71.84 -51.80 -47.96
N GLY A 487 -70.70 -51.22 -48.34
CA GLY A 487 -69.41 -51.78 -48.02
C GLY A 487 -68.88 -52.81 -48.99
N GLU A 488 -69.71 -53.36 -49.88
CA GLU A 488 -69.20 -54.43 -50.72
C GLU A 488 -69.43 -54.15 -52.20
N TRP A 489 -68.88 -55.04 -53.01
CA TRP A 489 -69.23 -55.11 -54.41
C TRP A 489 -70.35 -56.13 -54.61
N VAL A 490 -71.32 -55.78 -55.43
CA VAL A 490 -72.42 -56.65 -55.82
C VAL A 490 -72.38 -56.72 -57.34
N LEU A 491 -72.94 -57.77 -57.91
CA LEU A 491 -72.89 -57.84 -59.36
C LEU A 491 -73.96 -56.92 -59.93
N LEU A 492 -73.62 -56.22 -61.01
CA LEU A 492 -74.66 -55.44 -61.67
C LEU A 492 -75.81 -56.34 -62.05
N SER A 493 -75.48 -57.58 -62.46
CA SER A 493 -76.44 -58.57 -62.87
C SER A 493 -77.57 -58.68 -61.87
N THR A 494 -77.25 -58.55 -60.59
CA THR A 494 -78.25 -58.61 -59.54
C THR A 494 -79.45 -57.74 -59.86
N PHE A 495 -79.19 -56.55 -60.42
CA PHE A 495 -80.23 -55.55 -60.57
C PHE A 495 -80.87 -55.54 -61.94
N LEU A 496 -80.39 -56.35 -62.88
CA LEU A 496 -81.00 -56.36 -64.22
C LEU A 496 -81.57 -57.74 -64.62
N VAL B 2 27.53 7.82 17.96
CA VAL B 2 27.03 8.03 16.60
C VAL B 2 26.70 9.47 16.25
N GLN B 3 27.54 10.13 15.46
CA GLN B 3 27.43 11.58 15.32
C GLN B 3 27.59 12.01 13.88
N LEU B 4 26.89 13.09 13.55
CA LEU B 4 27.04 13.85 12.31
C LEU B 4 27.23 15.31 12.70
N VAL B 5 28.32 15.91 12.25
CA VAL B 5 28.65 17.24 12.70
C VAL B 5 28.81 18.14 11.50
N GLU B 6 27.88 19.09 11.34
CA GLU B 6 27.96 20.07 10.28
C GLU B 6 28.96 21.14 10.63
N SER B 7 29.58 21.70 9.61
CA SER B 7 30.63 22.69 9.76
C SER B 7 30.62 23.61 8.54
N GLY B 8 30.94 24.88 8.76
CA GLY B 8 31.21 25.75 7.62
C GLY B 8 30.10 26.70 7.20
N GLY B 9 28.95 26.65 7.85
CA GLY B 9 28.00 27.73 7.71
C GLY B 9 28.57 29.04 8.24
N GLY B 10 27.93 30.12 7.84
CA GLY B 10 28.44 31.42 8.19
C GLY B 10 27.52 32.49 7.64
N LEU B 11 28.10 33.68 7.48
CA LEU B 11 27.43 34.85 6.94
C LEU B 11 28.02 35.18 5.58
N VAL B 12 27.21 35.08 4.55
CA VAL B 12 27.69 35.14 3.19
C VAL B 12 26.84 36.13 2.43
N GLN B 13 27.49 36.96 1.63
CA GLN B 13 26.77 37.93 0.82
C GLN B 13 26.04 37.24 -0.33
N PRO B 14 24.95 37.83 -0.80
CA PRO B 14 24.20 37.23 -1.92
C PRO B 14 25.05 36.95 -3.14
N ARG B 15 24.58 36.08 -4.05
CA ARG B 15 25.19 35.85 -5.34
C ARG B 15 26.59 35.21 -5.23
N ARG B 16 27.14 34.98 -4.02
CA ARG B 16 28.47 34.43 -3.82
C ARG B 16 28.41 33.00 -3.24
N SER B 17 29.56 32.43 -2.87
CA SER B 17 29.71 31.00 -2.69
C SER B 17 30.14 30.62 -1.27
N LEU B 18 29.71 29.44 -0.83
CA LEU B 18 30.04 28.88 0.48
C LEU B 18 30.07 27.34 0.43
N ARG B 19 30.93 26.73 1.26
CA ARG B 19 31.00 25.26 1.35
C ARG B 19 30.67 24.79 2.75
N LEU B 20 29.81 23.77 2.83
CA LEU B 20 29.42 23.09 4.06
C LEU B 20 30.01 21.70 4.07
N SER B 21 30.51 21.27 5.22
CA SER B 21 31.05 19.92 5.37
C SER B 21 30.38 19.22 6.57
N CYS B 22 30.37 17.89 6.51
CA CYS B 22 29.79 17.06 7.56
C CYS B 22 30.78 15.97 7.92
N ALA B 23 31.19 15.90 9.17
CA ALA B 23 32.08 14.83 9.60
C ALA B 23 31.26 13.79 10.33
N ALA B 24 31.59 12.52 10.08
CA ALA B 24 30.82 11.38 10.55
C ALA B 24 31.57 10.64 11.65
N SER B 25 30.82 10.07 12.56
CA SER B 25 31.43 9.49 13.74
C SER B 25 30.60 8.31 14.22
N GLY B 26 31.27 7.28 14.74
CA GLY B 26 30.62 6.25 15.53
C GLY B 26 29.70 5.27 14.79
N PHE B 27 29.73 5.26 13.46
CA PHE B 27 29.03 4.25 12.69
C PHE B 27 29.78 4.12 11.38
N THR B 28 29.67 2.95 10.74
CA THR B 28 30.52 2.72 9.58
C THR B 28 29.94 3.53 8.42
N PHE B 29 30.70 4.52 7.97
CA PHE B 29 30.11 5.60 7.20
C PHE B 29 29.67 5.13 5.82
N ASP B 30 30.51 4.35 5.15
CA ASP B 30 30.27 4.03 3.74
C ASP B 30 28.90 3.40 3.55
N ASP B 31 28.48 2.55 4.49
CA ASP B 31 27.28 1.77 4.28
C ASP B 31 26.00 2.59 4.11
N TYR B 32 25.96 3.83 4.57
CA TYR B 32 24.73 4.62 4.54
C TYR B 32 24.76 5.67 3.47
N THR B 33 23.58 5.98 2.96
CA THR B 33 23.46 7.10 2.07
C THR B 33 23.04 8.32 2.89
N ILE B 34 23.53 9.49 2.49
CA ILE B 34 23.42 10.68 3.32
C ILE B 34 22.76 11.81 2.55
N HIS B 35 21.93 12.59 3.25
CA HIS B 35 21.19 13.71 2.68
C HIS B 35 21.55 15.01 3.40
N TRP B 36 21.51 16.10 2.66
CA TRP B 36 21.46 17.44 3.21
C TRP B 36 20.02 17.88 3.21
N VAL B 37 19.52 18.25 4.39
CA VAL B 37 18.17 18.76 4.57
C VAL B 37 18.25 20.10 5.28
N ARG B 38 17.58 21.11 4.73
CA ARG B 38 17.64 22.44 5.29
C ARG B 38 16.29 22.79 5.89
N GLN B 39 16.33 23.71 6.85
CA GLN B 39 15.13 24.24 7.50
C GLN B 39 15.28 25.75 7.59
N ALA B 40 14.42 26.50 6.88
CA ALA B 40 14.39 27.93 7.05
C ALA B 40 13.98 28.25 8.49
N PRO B 41 14.26 29.47 8.98
CA PRO B 41 13.91 29.79 10.37
C PRO B 41 12.40 29.93 10.53
N GLY B 42 11.88 29.33 11.60
CA GLY B 42 10.44 29.25 11.83
C GLY B 42 9.65 28.81 10.60
N LYS B 43 10.09 27.72 9.97
CA LYS B 43 9.53 27.21 8.72
C LYS B 43 9.71 25.69 8.72
N GLY B 44 9.50 25.06 7.57
CA GLY B 44 9.51 23.61 7.46
C GLY B 44 10.85 23.01 7.07
N LEU B 45 10.80 21.73 6.69
CA LEU B 45 11.98 20.98 6.30
C LEU B 45 12.00 20.84 4.78
N GLU B 46 13.13 21.17 4.18
CA GLU B 46 13.29 21.02 2.75
C GLU B 46 14.48 20.11 2.47
N TRP B 47 14.23 19.05 1.70
CA TRP B 47 15.30 18.17 1.29
C TRP B 47 16.18 18.90 0.28
N VAL B 48 17.46 18.97 0.57
CA VAL B 48 18.33 19.75 -0.32
C VAL B 48 18.91 18.83 -1.37
N SER B 49 19.64 17.81 -0.94
CA SER B 49 20.14 16.82 -1.90
C SER B 49 20.61 15.58 -1.14
N GLY B 50 21.16 14.62 -1.88
CA GLY B 50 21.71 13.44 -1.22
C GLY B 50 22.52 12.54 -2.13
N ILE B 51 23.46 11.78 -1.55
CA ILE B 51 24.31 10.85 -2.28
C ILE B 51 24.19 9.47 -1.64
N THR B 52 24.62 8.42 -2.34
CA THR B 52 24.41 7.10 -1.73
C THR B 52 25.41 5.93 -1.68
N TRP B 53 26.43 6.03 -0.82
CA TRP B 53 27.33 4.88 -0.59
C TRP B 53 28.53 4.80 -1.53
N ASN B 54 28.39 5.41 -2.70
CA ASN B 54 29.47 5.47 -3.63
C ASN B 54 29.19 6.62 -4.59
N SER B 55 28.72 7.77 -4.09
CA SER B 55 28.47 8.76 -5.11
C SER B 55 28.04 8.05 -6.38
N GLY B 56 27.25 7.00 -6.23
CA GLY B 56 26.68 6.30 -7.36
C GLY B 56 25.48 7.01 -7.95
N TYR B 57 24.54 7.38 -7.09
CA TYR B 57 23.40 8.17 -7.50
C TYR B 57 23.39 9.39 -6.59
N ILE B 58 23.25 10.58 -7.16
CA ILE B 58 23.09 11.76 -6.32
C ILE B 58 21.94 12.54 -6.91
N GLY B 59 21.25 13.28 -6.07
CA GLY B 59 20.07 14.00 -6.54
C GLY B 59 19.83 15.26 -5.74
N TYR B 60 19.14 16.20 -6.38
CA TYR B 60 19.02 17.55 -5.87
C TYR B 60 17.55 17.94 -5.81
N ALA B 61 17.26 18.96 -5.03
CA ALA B 61 15.95 19.59 -5.13
C ALA B 61 15.91 20.47 -6.38
N ASP B 62 14.71 20.68 -6.90
CA ASP B 62 14.58 21.59 -8.03
C ASP B 62 15.08 22.98 -7.67
N SER B 63 14.95 23.35 -6.39
CA SER B 63 15.33 24.69 -5.93
C SER B 63 16.80 24.96 -6.17
N VAL B 64 17.65 24.07 -5.71
CA VAL B 64 19.09 24.20 -5.90
C VAL B 64 19.49 23.22 -6.98
N LYS B 65 19.77 23.68 -8.19
CA LYS B 65 20.16 22.72 -9.20
C LYS B 65 21.27 23.36 -10.00
N GLY B 66 22.43 22.71 -10.06
CA GLY B 66 23.59 23.33 -10.63
C GLY B 66 24.11 24.49 -9.81
N ARG B 67 23.35 24.96 -8.83
CA ARG B 67 23.87 25.88 -7.84
C ARG B 67 24.63 25.13 -6.76
N PHE B 68 24.12 23.97 -6.37
CA PHE B 68 24.64 23.16 -5.27
C PHE B 68 25.30 21.91 -5.83
N THR B 69 26.32 21.43 -5.12
CA THR B 69 26.93 20.15 -5.46
C THR B 69 27.28 19.25 -4.28
N ILE B 70 26.77 18.03 -4.22
CA ILE B 70 27.17 17.16 -3.11
C ILE B 70 28.06 15.91 -3.19
N SER B 71 29.31 16.02 -2.73
CA SER B 71 30.20 14.87 -2.81
C SER B 71 30.72 14.41 -1.47
N ARG B 72 31.18 13.17 -1.47
CA ARG B 72 31.65 12.53 -0.26
C ARG B 72 33.07 12.03 -0.48
N ASP B 73 33.75 11.80 0.63
CA ASP B 73 35.09 11.23 0.65
C ASP B 73 35.03 9.74 0.96
N ASN B 74 34.45 9.40 2.11
CA ASN B 74 34.36 8.05 2.66
C ASN B 74 35.71 7.71 3.23
N ALA B 75 36.71 8.45 2.81
CA ALA B 75 38.00 8.33 3.43
C ALA B 75 38.02 9.20 4.67
N ARG B 76 37.89 10.51 4.48
CA ARG B 76 37.82 11.46 5.58
C ARG B 76 36.55 11.20 6.39
N ASN B 77 35.71 10.28 5.93
CA ASN B 77 34.39 10.05 6.52
C ASN B 77 33.63 11.37 6.56
N SER B 78 33.51 11.97 5.38
CA SER B 78 33.07 13.34 5.30
C SER B 78 32.11 13.50 4.13
N LEU B 79 31.31 14.54 4.24
CA LEU B 79 30.31 14.91 3.27
C LEU B 79 30.48 16.38 2.99
N TYR B 80 30.20 16.78 1.75
CA TYR B 80 30.44 18.15 1.32
C TYR B 80 29.28 18.61 0.46
N LEU B 81 28.76 19.80 0.75
CA LEU B 81 27.76 20.45 -0.11
C LEU B 81 28.26 21.84 -0.45
N GLN B 82 28.23 22.17 -1.74
CA GLN B 82 28.75 23.45 -2.21
C GLN B 82 27.65 24.34 -2.77
N MET B 83 27.75 25.62 -2.43
CA MET B 83 26.68 26.60 -2.56
C MET B 83 27.18 27.72 -3.47
N ASN B 84 26.60 27.86 -4.65
CA ASN B 84 27.05 28.85 -5.61
C ASN B 84 25.86 29.62 -6.14
N SER B 85 26.12 30.83 -6.65
CA SER B 85 25.05 31.77 -6.98
C SER B 85 24.06 31.80 -5.84
N LEU B 86 24.57 31.73 -4.64
CA LEU B 86 23.73 31.49 -3.49
C LEU B 86 22.67 32.58 -3.43
N ARG B 87 21.41 32.18 -3.51
CA ARG B 87 20.39 33.21 -3.49
C ARG B 87 20.06 33.49 -2.04
N ALA B 88 19.18 34.46 -1.81
CA ALA B 88 18.96 34.99 -0.47
C ALA B 88 17.97 34.18 0.35
N GLU B 89 17.22 33.29 -0.29
CA GLU B 89 16.28 32.43 0.40
C GLU B 89 16.88 31.11 0.78
N ASP B 90 18.14 30.88 0.43
CA ASP B 90 18.80 29.65 0.86
C ASP B 90 19.14 29.68 2.34
N THR B 91 19.00 30.84 2.99
CA THR B 91 19.35 30.93 4.39
C THR B 91 18.46 30.01 5.21
N ALA B 92 19.07 29.27 6.12
CA ALA B 92 18.40 28.18 6.81
C ALA B 92 19.43 27.52 7.71
N LEU B 93 18.94 26.67 8.62
CA LEU B 93 19.82 25.80 9.34
C LEU B 93 19.97 24.55 8.48
N TYR B 94 21.22 24.16 8.20
CA TYR B 94 21.53 23.07 7.28
C TYR B 94 21.93 21.83 8.07
N TYR B 95 21.22 20.74 7.79
CA TYR B 95 21.21 19.49 8.55
C TYR B 95 21.87 18.39 7.74
N CYS B 96 22.82 17.70 8.37
CA CYS B 96 23.35 16.45 7.87
C CYS B 96 22.46 15.31 8.37
N VAL B 97 21.93 14.48 7.45
CA VAL B 97 20.88 13.52 7.81
C VAL B 97 21.16 12.18 7.17
N ARG B 98 21.29 11.14 7.99
CA ARG B 98 21.60 9.80 7.49
C ARG B 98 20.34 9.01 7.17
N ASP B 99 20.36 8.33 6.03
CA ASP B 99 19.19 7.58 5.60
C ASP B 99 19.31 6.14 6.09
N ALA B 100 18.40 5.73 6.98
CA ALA B 100 18.48 4.45 7.67
C ALA B 100 18.30 3.24 6.78
N TYR B 101 17.95 3.42 5.52
CA TYR B 101 17.74 2.27 4.63
C TYR B 101 19.06 1.91 3.98
N VAL B 102 19.61 0.76 4.38
CA VAL B 102 20.97 0.41 3.98
C VAL B 102 21.04 -0.30 2.63
N SER B 103 19.95 -0.92 2.18
CA SER B 103 19.95 -1.72 0.95
C SER B 103 20.94 -2.86 0.96
N GLY B 104 20.55 -3.98 1.52
CA GLY B 104 21.34 -5.17 1.38
C GLY B 104 21.91 -5.66 2.65
N SER B 105 21.76 -4.94 3.77
CA SER B 105 21.93 -5.65 5.03
C SER B 105 20.69 -6.50 5.32
N ASP B 106 20.86 -7.44 6.25
CA ASP B 106 19.85 -8.48 6.43
C ASP B 106 18.58 -7.93 7.06
N TYR B 107 18.69 -6.98 7.99
CA TYR B 107 17.53 -6.32 8.59
C TYR B 107 17.51 -4.86 8.15
N TYR B 108 16.41 -4.46 7.48
CA TYR B 108 16.23 -3.12 6.93
C TYR B 108 15.66 -2.15 7.95
N TYR B 109 16.15 -0.93 7.93
CA TYR B 109 15.52 0.15 8.66
C TYR B 109 15.22 1.26 7.66
N TYR B 110 14.30 2.16 8.00
CA TYR B 110 13.89 3.23 7.07
C TYR B 110 13.81 4.56 7.81
N GLY B 111 13.47 5.61 7.07
CA GLY B 111 13.36 6.93 7.65
C GLY B 111 14.73 7.59 7.72
N LEU B 112 14.77 8.76 8.38
CA LEU B 112 16.01 9.49 8.61
C LEU B 112 16.31 9.41 10.10
N ASP B 113 17.26 8.56 10.46
CA ASP B 113 17.47 8.28 11.88
C ASP B 113 18.46 9.23 12.54
N VAL B 114 19.41 9.82 11.82
CA VAL B 114 20.49 10.56 12.48
C VAL B 114 20.65 11.96 11.88
N TRP B 115 20.56 12.99 12.74
CA TRP B 115 20.59 14.40 12.34
C TRP B 115 21.61 15.15 13.16
N GLY B 116 22.45 15.93 12.50
CA GLY B 116 23.32 16.81 13.25
C GLY B 116 22.54 17.92 13.95
N ARG B 117 23.26 18.64 14.83
CA ARG B 117 22.74 19.90 15.34
C ARG B 117 22.47 20.87 14.19
N GLY B 118 23.26 20.79 13.14
CA GLY B 118 23.15 21.58 11.93
C GLY B 118 23.85 22.91 12.05
N THR B 119 24.40 23.38 10.94
CA THR B 119 25.08 24.67 10.91
C THR B 119 24.01 25.74 10.72
N LEU B 120 24.41 26.95 10.36
CA LEU B 120 23.42 28.00 10.17
C LEU B 120 23.91 29.02 9.13
N VAL B 121 23.32 28.98 7.94
CA VAL B 121 23.77 29.71 6.75
C VAL B 121 22.83 30.87 6.49
N THR B 122 23.34 32.10 6.47
CA THR B 122 22.47 33.25 6.26
C THR B 122 23.00 34.10 5.11
N VAL B 123 22.20 34.24 4.07
CA VAL B 123 22.58 34.96 2.86
C VAL B 123 21.90 36.32 2.92
N SER B 124 22.68 37.34 3.24
CA SER B 124 22.19 38.69 3.45
C SER B 124 23.30 39.67 3.11
N SER B 125 22.91 40.83 2.63
CA SER B 125 23.87 41.89 2.34
C SER B 125 24.07 42.87 3.49
N ALA B 126 23.26 42.78 4.53
CA ALA B 126 23.48 43.65 5.67
C ALA B 126 24.81 43.33 6.33
N SER B 127 25.36 44.32 7.02
CA SER B 127 26.63 44.14 7.71
C SER B 127 26.40 43.91 9.19
N THR B 128 27.27 43.10 9.80
CA THR B 128 27.18 42.84 11.23
C THR B 128 27.08 44.16 11.98
N LYS B 129 26.13 44.25 12.92
CA LYS B 129 25.93 45.49 13.65
C LYS B 129 25.56 45.21 15.09
N GLY B 130 26.20 45.91 16.03
CA GLY B 130 25.74 45.90 17.38
C GLY B 130 24.32 46.42 17.49
N PRO B 131 23.58 45.96 18.49
CA PRO B 131 22.23 46.49 18.73
C PRO B 131 22.25 47.85 19.39
N SER B 132 21.32 48.71 18.98
CA SER B 132 20.95 49.87 19.77
C SER B 132 19.85 49.45 20.74
N VAL B 133 20.00 49.77 22.02
CA VAL B 133 19.12 49.23 23.07
C VAL B 133 18.44 50.38 23.79
N PHE B 134 17.12 50.48 23.64
CA PHE B 134 16.39 51.61 24.20
C PHE B 134 15.44 51.12 25.27
N PRO B 135 15.21 51.89 26.34
CA PRO B 135 14.38 51.40 27.45
C PRO B 135 12.88 51.47 27.16
N LEU B 136 12.16 50.45 27.65
CA LEU B 136 10.69 50.38 27.62
C LEU B 136 10.17 50.66 29.02
N ALA B 137 9.56 51.86 29.20
CA ALA B 137 9.36 52.57 30.45
C ALA B 137 7.97 52.36 31.02
N PRO B 138 7.86 52.05 32.33
CA PRO B 138 6.58 51.97 33.09
C PRO B 138 5.70 53.27 33.08
N GLY B 146 -2.15 46.73 38.49
CA GLY B 146 -1.68 46.65 39.87
C GLY B 146 -0.24 46.21 39.96
N THR B 147 0.23 45.57 38.89
CA THR B 147 1.63 45.25 38.70
C THR B 147 2.07 45.85 37.36
N ALA B 148 3.36 46.22 37.27
CA ALA B 148 3.85 47.09 36.21
C ALA B 148 4.78 46.35 35.26
N ALA B 149 4.62 46.61 33.97
CA ALA B 149 5.37 45.97 32.92
C ALA B 149 6.36 46.95 32.31
N LEU B 150 7.62 46.51 32.23
CA LEU B 150 8.73 47.30 31.67
C LEU B 150 9.66 46.35 30.94
N GLY B 151 10.56 46.92 30.16
CA GLY B 151 11.41 46.09 29.33
C GLY B 151 12.45 46.93 28.65
N CYS B 152 13.02 46.38 27.59
CA CYS B 152 13.95 47.12 26.74
C CYS B 152 13.89 46.52 25.36
N LEU B 153 14.17 47.38 24.39
CA LEU B 153 13.97 47.15 22.97
C LEU B 153 15.35 47.04 22.36
N VAL B 154 15.66 45.89 21.79
CA VAL B 154 16.95 45.66 21.17
C VAL B 154 16.75 45.82 19.66
N LYS B 155 17.23 46.93 19.10
CA LYS B 155 16.84 47.36 17.76
C LYS B 155 18.05 47.44 16.85
N ASP B 156 17.80 47.15 15.58
CA ASP B 156 18.80 47.30 14.52
C ASP B 156 20.12 46.64 14.91
N TYR B 157 20.09 45.31 14.87
CA TYR B 157 21.25 44.46 15.09
C TYR B 157 21.23 43.35 14.05
N PHE B 158 22.35 42.66 13.96
CA PHE B 158 22.59 41.71 12.87
C PHE B 158 23.93 41.04 13.08
N PRO B 159 24.05 39.76 12.74
CA PRO B 159 22.90 38.91 12.44
C PRO B 159 22.48 38.27 13.76
N GLU B 160 21.39 37.49 13.76
CA GLU B 160 20.94 36.90 15.01
C GLU B 160 21.99 35.90 15.38
N PRO B 161 22.06 35.49 16.65
CA PRO B 161 21.26 35.68 17.86
C PRO B 161 21.68 36.80 18.79
N VAL B 162 20.82 37.00 19.78
CA VAL B 162 21.08 37.94 20.86
C VAL B 162 20.41 37.36 22.11
N THR B 163 21.03 37.60 23.26
CA THR B 163 20.50 37.09 24.51
C THR B 163 20.29 38.26 25.46
N VAL B 164 19.10 38.36 26.04
CA VAL B 164 18.82 39.31 27.11
C VAL B 164 18.63 38.52 28.38
N SER B 165 19.33 38.94 29.44
CA SER B 165 19.09 38.47 30.80
C SER B 165 19.05 39.70 31.68
N TRP B 166 18.18 39.66 32.70
CA TRP B 166 17.82 40.86 33.45
C TRP B 166 18.52 40.91 34.80
N ASN B 167 18.87 42.14 35.21
CA ASN B 167 19.59 42.36 36.47
C ASN B 167 20.76 41.38 36.60
N SER B 168 21.53 41.28 35.50
CA SER B 168 22.73 40.45 35.46
C SER B 168 22.43 39.00 35.83
N GLY B 169 21.22 38.55 35.51
CA GLY B 169 20.77 37.23 35.87
C GLY B 169 19.90 37.14 37.11
N ALA B 170 19.62 38.26 37.78
CA ALA B 170 18.85 38.21 39.01
C ALA B 170 17.39 37.87 38.73
N LEU B 171 16.72 38.74 37.96
CA LEU B 171 15.27 38.68 37.78
C LEU B 171 15.02 37.70 36.64
N THR B 172 14.59 36.48 37.01
CA THR B 172 14.38 35.42 36.04
C THR B 172 12.92 35.15 35.70
N SER B 173 11.99 35.79 36.39
CA SER B 173 10.58 35.38 36.37
C SER B 173 9.72 36.40 35.62
N GLY B 174 8.72 35.88 34.92
CA GLY B 174 7.86 36.73 34.13
C GLY B 174 8.65 37.57 33.16
N VAL B 175 9.63 36.95 32.50
CA VAL B 175 10.50 37.62 31.55
C VAL B 175 10.21 37.01 30.19
N HIS B 176 9.55 37.77 29.32
CA HIS B 176 9.25 37.32 27.98
C HIS B 176 10.13 38.10 27.02
N THR B 177 11.05 37.42 26.32
CA THR B 177 11.88 38.07 25.32
C THR B 177 11.53 37.46 23.97
N PHE B 178 11.13 38.28 23.05
CA PHE B 178 10.37 37.82 21.91
C PHE B 178 11.26 37.28 20.80
N PRO B 179 10.67 36.54 19.87
CA PRO B 179 11.37 36.27 18.62
C PRO B 179 11.78 37.57 17.98
N ALA B 180 13.02 37.60 17.49
CA ALA B 180 13.41 38.70 16.64
C ALA B 180 12.48 38.75 15.45
N VAL B 181 12.25 39.94 14.96
CA VAL B 181 11.57 40.10 13.70
C VAL B 181 12.57 40.75 12.75
N LEU B 182 12.39 40.53 11.46
CA LEU B 182 13.35 41.00 10.47
C LEU B 182 12.81 42.26 9.83
N GLN B 183 13.46 43.36 10.11
CA GLN B 183 12.95 44.64 9.67
C GLN B 183 13.17 44.75 8.17
N SER B 184 12.42 45.67 7.52
CA SER B 184 12.56 45.86 6.08
C SER B 184 13.95 46.27 5.66
N SER B 185 14.78 46.67 6.63
CA SER B 185 16.13 47.17 6.49
C SER B 185 17.19 46.08 6.47
N GLY B 186 16.79 44.81 6.38
CA GLY B 186 17.74 43.74 6.56
C GLY B 186 18.27 43.57 7.96
N LEU B 187 17.71 44.30 8.92
CA LEU B 187 18.19 44.34 10.30
C LEU B 187 17.15 43.78 11.27
N TYR B 188 17.62 43.01 12.25
CA TYR B 188 16.67 42.49 13.22
C TYR B 188 16.32 43.53 14.27
N SER B 189 15.16 43.33 14.89
CA SER B 189 14.83 44.05 16.10
C SER B 189 13.91 43.17 16.94
N LEU B 190 14.05 43.24 18.26
CA LEU B 190 13.18 42.47 19.14
C LEU B 190 13.09 43.15 20.49
N SER B 191 11.98 42.90 21.19
CA SER B 191 11.74 43.47 22.50
C SER B 191 11.85 42.38 23.56
N SER B 192 12.24 42.78 24.76
CA SER B 192 12.33 41.86 25.89
C SER B 192 11.72 42.56 27.09
N VAL B 193 10.68 41.98 27.67
CA VAL B 193 9.91 42.63 28.71
C VAL B 193 9.84 41.75 29.95
N VAL B 194 9.54 42.40 31.05
CA VAL B 194 9.35 41.73 32.33
C VAL B 194 8.20 42.43 33.06
N THR B 195 7.37 41.61 33.67
CA THR B 195 6.32 42.06 34.58
C THR B 195 6.88 42.03 35.98
N VAL B 196 6.67 43.11 36.73
CA VAL B 196 7.27 43.18 38.05
C VAL B 196 6.32 43.91 39.00
N PRO B 197 6.30 43.56 40.29
CA PRO B 197 5.39 44.24 41.23
C PRO B 197 5.65 45.74 41.31
N SER B 198 4.56 46.52 41.18
CA SER B 198 4.67 47.97 41.02
C SER B 198 5.05 48.69 42.31
N SER B 199 4.98 48.02 43.46
CA SER B 199 5.49 48.62 44.69
C SER B 199 7.01 48.60 44.74
N SER B 200 7.67 47.82 43.88
CA SER B 200 9.12 47.81 43.81
C SER B 200 9.68 48.70 42.70
N LEU B 201 8.82 49.47 42.02
CA LEU B 201 9.31 50.37 40.98
C LEU B 201 10.38 51.31 41.48
N GLY B 202 10.08 52.08 42.53
CA GLY B 202 11.08 52.95 43.14
C GLY B 202 11.99 52.28 44.14
N THR B 203 11.71 51.03 44.52
CA THR B 203 12.58 50.28 45.43
C THR B 203 13.75 49.68 44.67
N GLN B 204 13.48 48.63 43.89
CA GLN B 204 14.54 47.98 43.13
C GLN B 204 14.80 48.70 41.81
N THR B 205 16.07 48.65 41.39
CA THR B 205 16.53 49.21 40.13
C THR B 205 16.70 48.10 39.11
N TYR B 206 16.05 48.26 37.94
CA TYR B 206 15.94 47.21 36.93
C TYR B 206 16.86 47.52 35.74
N ILE B 207 17.86 46.65 35.52
CA ILE B 207 18.85 46.80 34.45
C ILE B 207 18.73 45.65 33.46
N CYS B 208 18.35 46.02 32.25
CA CYS B 208 18.40 45.23 31.03
C CYS B 208 19.82 44.78 30.71
N ASN B 209 20.00 43.50 30.36
CA ASN B 209 21.34 43.00 30.12
C ASN B 209 21.36 42.35 28.75
N VAL B 210 22.00 42.99 27.77
CA VAL B 210 21.99 42.44 26.39
C VAL B 210 23.30 41.71 26.15
N ASN B 211 23.32 40.90 25.09
CA ASN B 211 24.58 40.38 24.58
C ASN B 211 24.40 39.96 23.14
N HIS B 212 25.37 40.31 22.30
CA HIS B 212 25.37 39.93 20.89
C HIS B 212 26.74 39.34 20.64
N LYS B 213 26.82 38.02 20.44
CA LYS B 213 28.14 37.48 20.18
C LYS B 213 28.66 37.94 18.83
N PRO B 214 27.89 37.88 17.73
CA PRO B 214 28.46 38.26 16.42
C PRO B 214 29.08 39.65 16.36
N SER B 215 28.70 40.60 17.20
CA SER B 215 29.40 41.88 17.23
C SER B 215 30.37 42.03 18.39
N ASN B 216 30.47 41.03 19.26
CA ASN B 216 31.18 41.16 20.56
C ASN B 216 30.69 42.35 21.36
N THR B 217 29.39 42.62 21.28
CA THR B 217 28.78 43.69 22.05
C THR B 217 28.14 43.15 23.32
N LYS B 218 28.34 43.86 24.41
CA LYS B 218 27.53 43.67 25.62
C LYS B 218 27.06 45.05 26.05
N VAL B 219 25.74 45.26 26.00
CA VAL B 219 25.09 46.50 26.41
C VAL B 219 24.30 46.23 27.68
N ASP B 220 24.45 47.08 28.68
CA ASP B 220 23.58 47.11 29.84
C ASP B 220 22.80 48.41 29.79
N LYS B 221 21.47 48.30 29.87
CA LYS B 221 20.61 49.48 29.84
C LYS B 221 19.87 49.60 31.17
N LYS B 222 19.78 50.82 31.67
CA LYS B 222 19.04 51.08 32.90
C LYS B 222 17.60 51.42 32.53
N VAL B 223 16.65 50.87 33.29
CA VAL B 223 15.23 51.03 32.99
C VAL B 223 14.52 51.63 34.21
N GLU B 224 14.00 52.84 34.03
CA GLU B 224 13.36 53.67 35.04
C GLU B 224 12.13 54.34 34.40
N PRO B 225 11.15 54.75 35.23
CA PRO B 225 9.93 55.46 34.76
C PRO B 225 10.17 56.82 34.07
N GLU C 1 7.72 16.03 -7.86
CA GLU C 1 7.75 15.47 -6.52
C GLU C 1 6.37 15.40 -5.92
N ILE C 2 6.16 14.49 -4.99
CA ILE C 2 4.84 14.33 -4.39
C ILE C 2 4.81 15.18 -3.14
N VAL C 3 3.67 15.79 -2.88
CA VAL C 3 3.54 16.82 -1.86
C VAL C 3 2.89 16.23 -0.63
N MET C 4 3.61 16.18 0.47
CA MET C 4 2.92 15.88 1.71
C MET C 4 2.12 17.08 2.15
N THR C 5 0.89 16.85 2.56
CA THR C 5 0.00 17.89 3.05
C THR C 5 -0.29 17.59 4.51
N SER C 6 0.35 18.36 5.39
CA SER C 6 0.19 18.16 6.81
C SER C 6 -1.19 18.70 7.18
N SER C 7 -1.75 18.20 8.29
CA SER C 7 -3.05 18.72 8.76
C SER C 7 -3.55 18.11 10.05
N PRO C 8 -4.12 18.91 10.94
CA PRO C 8 -4.41 20.33 10.98
C PRO C 8 -3.16 21.23 11.05
N ALA C 9 -3.36 22.51 10.75
CA ALA C 9 -2.35 23.52 11.01
C ALA C 9 -1.78 23.37 12.41
N THR C 10 -2.62 23.69 13.40
CA THR C 10 -2.34 23.50 14.81
C THR C 10 -3.36 22.55 15.36
N LEU C 11 -3.02 21.93 16.49
CA LEU C 11 -3.97 21.07 17.18
C LEU C 11 -3.78 21.29 18.66
N SER C 12 -4.87 21.51 19.36
CA SER C 12 -4.82 21.81 20.78
C SER C 12 -5.55 20.71 21.52
N VAL C 13 -4.84 20.00 22.38
CA VAL C 13 -5.45 18.90 23.12
C VAL C 13 -4.89 18.92 24.54
N SER C 14 -5.78 18.68 25.51
CA SER C 14 -5.42 18.84 26.90
C SER C 14 -4.53 17.69 27.37
N PRO C 15 -3.66 17.93 28.34
CA PRO C 15 -2.73 16.88 28.75
C PRO C 15 -3.46 15.59 29.09
N GLY C 16 -2.87 14.46 28.70
CA GLY C 16 -3.53 13.18 28.82
C GLY C 16 -4.75 13.04 27.94
N GLU C 17 -4.62 13.18 26.63
CA GLU C 17 -5.76 12.95 25.75
C GLU C 17 -5.23 12.47 24.42
N ARG C 18 -6.02 11.64 23.73
CA ARG C 18 -5.59 11.20 22.41
C ARG C 18 -5.56 12.39 21.47
N VAL C 19 -4.54 12.41 20.62
CA VAL C 19 -4.40 13.42 19.59
C VAL C 19 -4.11 12.70 18.30
N THR C 20 -4.68 13.21 17.23
CA THR C 20 -4.51 12.58 15.93
C THR C 20 -4.14 13.62 14.90
N LEU C 21 -3.13 13.29 14.11
CA LEU C 21 -2.53 14.15 13.12
C LEU C 21 -2.66 13.44 11.79
N PHE C 22 -2.76 14.20 10.72
CA PHE C 22 -3.09 13.64 9.42
C PHE C 22 -2.09 14.06 8.35
N CYS C 23 -1.78 13.15 7.42
CA CYS C 23 -0.87 13.42 6.31
C CYS C 23 -1.48 12.93 5.00
N ARG C 24 -1.82 13.84 4.09
CA ARG C 24 -2.30 13.46 2.76
C ARG C 24 -1.10 13.51 1.83
N ALA C 25 -1.07 12.64 0.83
CA ALA C 25 0.05 12.63 -0.10
C ALA C 25 -0.44 12.85 -1.53
N SER C 26 0.35 13.59 -2.30
CA SER C 26 -0.04 13.95 -3.65
C SER C 26 -0.40 12.71 -4.46
N GLN C 27 0.58 11.91 -4.84
CA GLN C 27 0.29 10.58 -5.36
C GLN C 27 0.57 9.56 -4.26
N SER C 28 0.24 8.30 -4.56
CA SER C 28 0.27 7.25 -3.55
C SER C 28 1.67 7.00 -3.09
N VAL C 29 1.86 7.01 -1.77
CA VAL C 29 3.17 6.77 -1.17
C VAL C 29 3.23 5.36 -0.61
N ILE C 30 2.12 4.64 -0.72
CA ILE C 30 2.02 3.27 -0.23
C ILE C 30 2.11 3.22 1.31
N SER C 31 3.29 2.88 1.82
CA SER C 31 3.51 2.81 3.25
C SER C 31 4.79 3.54 3.63
N ASN C 32 5.75 3.54 2.70
CA ASN C 32 7.02 4.20 2.92
C ASN C 32 6.77 5.65 3.33
N LEU C 33 6.69 5.87 4.62
CA LEU C 33 6.37 7.18 5.18
C LEU C 33 6.83 7.14 6.61
N ALA C 34 7.11 8.31 7.18
CA ALA C 34 7.72 8.38 8.49
C ALA C 34 7.15 9.59 9.18
N TRP C 35 7.19 9.56 10.51
CA TRP C 35 6.72 10.66 11.34
C TRP C 35 7.87 11.09 12.22
N TYR C 36 8.07 12.41 12.32
CA TYR C 36 9.14 13.02 13.12
C TYR C 36 8.54 13.95 14.16
N GLN C 37 9.17 13.97 15.33
CA GLN C 37 8.85 14.93 16.38
C GLN C 37 10.00 15.92 16.44
N GLN C 38 9.68 17.21 16.54
CA GLN C 38 10.68 18.26 16.67
C GLN C 38 10.27 19.15 17.82
N LYS C 39 11.02 19.07 18.93
CA LYS C 39 10.83 19.97 20.05
C LYS C 39 11.58 21.26 19.73
N SER C 40 11.05 22.38 20.20
CA SER C 40 11.56 23.67 19.73
C SER C 40 13.06 23.80 20.00
N GLY C 41 13.78 24.20 18.96
CA GLY C 41 15.20 24.41 19.09
C GLY C 41 16.03 23.16 19.17
N GLN C 42 15.67 22.13 18.41
CA GLN C 42 16.56 20.98 18.24
C GLN C 42 16.17 20.26 16.96
N ALA C 43 16.90 19.21 16.65
CA ALA C 43 16.70 18.51 15.40
C ALA C 43 15.45 17.65 15.48
N PRO C 44 15.02 17.09 14.36
CA PRO C 44 13.98 16.05 14.42
C PRO C 44 14.44 14.81 15.18
N ARG C 45 13.52 14.24 15.96
CA ARG C 45 13.59 12.85 16.40
C ARG C 45 12.71 12.06 15.44
N LEU C 46 13.17 10.87 15.06
CA LEU C 46 12.39 10.02 14.16
C LEU C 46 11.44 9.17 14.99
N LEU C 47 10.14 9.32 14.75
CA LEU C 47 9.12 8.63 15.55
C LEU C 47 8.70 7.31 14.93
N ILE C 48 8.11 7.36 13.73
CA ILE C 48 7.65 6.13 13.10
C ILE C 48 8.23 6.06 11.69
N TYR C 49 8.29 4.84 11.16
CA TYR C 49 8.65 4.66 9.77
C TYR C 49 7.98 3.40 9.24
N GLY C 50 7.88 3.30 7.91
CA GLY C 50 7.00 2.32 7.32
C GLY C 50 5.55 2.58 7.68
N ALA C 51 5.28 3.78 8.18
CA ALA C 51 4.00 4.32 8.59
C ALA C 51 3.50 3.67 9.87
N SER C 52 3.90 2.43 10.10
CA SER C 52 3.33 1.64 11.16
C SER C 52 4.28 1.25 12.28
N THR C 53 5.58 1.47 12.18
CA THR C 53 6.50 0.75 13.05
C THR C 53 7.33 1.76 13.81
N ARG C 54 7.21 1.79 15.12
CA ARG C 54 7.90 2.87 15.84
C ARG C 54 9.38 2.55 15.96
N ALA C 55 10.20 3.59 15.85
CA ALA C 55 11.64 3.44 15.90
C ALA C 55 12.07 3.15 17.32
N THR C 56 13.26 2.60 17.46
CA THR C 56 13.69 2.19 18.79
C THR C 56 13.84 3.42 19.67
N GLY C 57 13.28 3.33 20.87
CA GLY C 57 13.16 4.41 21.80
C GLY C 57 11.78 5.02 21.88
N ILE C 58 11.00 4.94 20.81
CA ILE C 58 9.73 5.66 20.84
C ILE C 58 8.77 4.90 21.73
N PRO C 59 8.09 5.56 22.67
CA PRO C 59 7.12 4.85 23.53
C PRO C 59 5.89 4.44 22.75
N SER C 60 5.07 3.61 23.39
CA SER C 60 3.94 3.05 22.65
C SER C 60 2.74 3.99 22.59
N ARG C 61 2.84 5.20 23.12
CA ARG C 61 1.81 6.18 22.80
C ARG C 61 1.79 6.45 21.31
N PHE C 62 2.96 6.56 20.68
CA PHE C 62 3.03 6.97 19.29
C PHE C 62 2.76 5.80 18.34
N SER C 63 1.83 6.01 17.43
CA SER C 63 1.37 4.94 16.57
C SER C 63 0.84 5.52 15.27
N GLY C 64 1.00 4.78 14.18
CA GLY C 64 0.69 5.33 12.87
C GLY C 64 0.07 4.29 11.96
N SER C 65 -0.64 4.76 10.94
CA SER C 65 -1.32 3.87 10.01
C SER C 65 -0.80 4.25 8.64
N GLY C 66 -1.45 3.85 7.56
CA GLY C 66 -0.83 4.30 6.32
C GLY C 66 -0.99 3.48 5.06
N SER C 67 -0.01 3.58 4.15
CA SER C 67 0.01 2.88 2.86
C SER C 67 -1.16 3.33 1.98
N GLY C 68 -0.98 4.51 1.43
CA GLY C 68 -2.02 5.10 0.60
C GLY C 68 -1.70 6.53 0.22
N THR C 69 -2.74 7.29 0.03
CA THR C 69 -2.63 8.73 0.08
C THR C 69 -2.79 9.31 1.48
N GLU C 70 -3.70 8.78 2.31
CA GLU C 70 -3.96 9.40 3.59
C GLU C 70 -3.35 8.58 4.72
N PHE C 71 -2.90 9.26 5.78
CA PHE C 71 -2.08 8.68 6.82
C PHE C 71 -2.41 9.33 8.16
N THR C 72 -2.05 8.64 9.23
CA THR C 72 -2.40 9.06 10.57
C THR C 72 -1.29 8.83 11.59
N LEU C 73 -1.00 9.87 12.37
CA LEU C 73 -0.19 9.74 13.58
C LEU C 73 -1.09 9.93 14.77
N THR C 74 -0.91 9.10 15.78
CA THR C 74 -1.77 9.06 16.96
C THR C 74 -0.91 9.02 18.21
N ILE C 75 -1.13 9.99 19.08
CA ILE C 75 -0.48 10.04 20.39
C ILE C 75 -1.55 9.73 21.43
N SER C 76 -1.28 8.73 22.26
CA SER C 76 -2.32 8.08 23.08
C SER C 76 -2.77 8.97 24.21
N SER C 77 -1.88 9.32 25.11
CA SER C 77 -2.18 10.32 26.12
C SER C 77 -1.07 11.35 26.05
N LEU C 78 -1.42 12.55 25.63
CA LEU C 78 -0.39 13.56 25.43
C LEU C 78 0.34 13.81 26.73
N GLN C 79 1.65 13.80 26.68
CA GLN C 79 2.41 14.03 27.88
C GLN C 79 3.33 15.22 27.66
N SER C 80 3.88 15.75 28.76
CA SER C 80 4.53 17.06 28.77
C SER C 80 5.46 17.25 27.59
N GLU C 81 6.30 16.28 27.34
CA GLU C 81 7.32 16.38 26.31
C GLU C 81 6.84 15.95 24.94
N ASP C 82 5.54 15.68 24.79
CA ASP C 82 4.98 15.39 23.49
C ASP C 82 4.42 16.62 22.79
N PHE C 83 4.34 17.74 23.47
CA PHE C 83 3.85 18.94 22.80
C PHE C 83 5.02 19.53 22.05
N ALA C 84 4.94 19.48 20.74
CA ALA C 84 6.06 19.82 19.86
C ALA C 84 5.50 19.84 18.45
N VAL C 85 6.34 20.02 17.46
CA VAL C 85 5.81 19.98 16.10
C VAL C 85 6.06 18.63 15.47
N TYR C 86 5.10 18.13 14.70
CA TYR C 86 5.22 16.83 14.07
C TYR C 86 5.25 16.99 12.57
N PHE C 87 6.11 16.20 11.92
CA PHE C 87 6.31 16.26 10.48
C PHE C 87 6.17 14.86 9.91
N CYS C 88 5.56 14.75 8.73
CA CYS C 88 5.52 13.49 8.01
C CYS C 88 6.39 13.59 6.78
N GLN C 89 6.96 12.47 6.38
CA GLN C 89 7.82 12.41 5.21
C GLN C 89 7.52 11.15 4.43
N GLN C 90 7.56 11.19 3.11
CA GLN C 90 7.59 9.89 2.45
C GLN C 90 8.99 9.68 1.88
N TYR C 91 9.43 8.44 1.85
CA TYR C 91 10.64 8.06 1.13
C TYR C 91 10.37 7.29 -0.17
N ASN C 92 9.13 7.24 -0.64
CA ASN C 92 8.84 6.39 -1.79
C ASN C 92 9.63 6.80 -3.01
N ASN C 93 9.72 8.09 -3.27
CA ASN C 93 10.58 8.61 -4.33
C ASN C 93 11.51 9.67 -3.78
N TRP C 94 12.61 9.87 -4.50
CA TRP C 94 13.33 11.09 -4.32
C TRP C 94 12.61 12.09 -5.22
N PRO C 95 12.53 13.38 -4.84
CA PRO C 95 13.06 14.01 -3.65
C PRO C 95 12.20 13.73 -2.42
N LEU C 96 12.86 13.55 -1.29
CA LEU C 96 12.18 13.39 -0.04
C LEU C 96 11.49 14.68 0.28
N THR C 97 10.24 14.58 0.60
CA THR C 97 9.47 15.73 0.91
C THR C 97 8.95 15.61 2.33
N PHE C 98 8.29 16.66 2.78
CA PHE C 98 7.72 16.68 4.10
C PHE C 98 6.42 17.44 4.03
N GLY C 99 5.66 17.32 5.09
CA GLY C 99 4.55 18.21 5.30
C GLY C 99 5.02 19.52 5.90
N GLY C 100 4.05 20.41 6.11
CA GLY C 100 4.34 21.65 6.77
C GLY C 100 4.48 21.47 8.27
N GLY C 101 3.82 20.48 8.81
CA GLY C 101 3.90 20.24 10.24
C GLY C 101 2.59 20.59 10.93
N THR C 102 2.43 20.00 12.10
CA THR C 102 1.27 20.21 12.94
C THR C 102 1.80 20.59 14.32
N GLN C 103 1.53 21.82 14.76
CA GLN C 103 1.87 22.16 16.14
C GLN C 103 0.80 21.54 17.03
N VAL C 104 1.20 20.83 18.08
CA VAL C 104 0.25 20.44 19.13
C VAL C 104 0.48 21.36 20.32
N ASN C 105 -0.46 22.25 20.59
CA ASN C 105 -0.25 23.10 21.74
C ASN C 105 -1.14 22.59 22.86
N VAL C 106 -0.64 22.77 24.08
CA VAL C 106 -1.38 22.35 25.26
C VAL C 106 -2.59 23.28 25.44
N GLN C 107 -3.79 22.68 25.62
CA GLN C 107 -5.04 23.43 25.61
C GLN C 107 -5.46 23.84 27.01
N ARG C 108 -5.90 25.10 27.12
CA ARG C 108 -6.06 25.86 28.35
C ARG C 108 -7.44 26.48 28.35
N THR C 109 -7.88 26.97 29.51
CA THR C 109 -9.06 27.80 29.58
C THR C 109 -8.76 29.17 28.98
N VAL C 110 -9.72 29.75 28.25
CA VAL C 110 -9.45 31.02 27.59
C VAL C 110 -8.96 32.04 28.61
N ALA C 111 -7.91 32.78 28.25
CA ALA C 111 -7.34 33.76 29.16
C ALA C 111 -7.10 35.06 28.41
N ALA C 112 -7.72 36.14 28.88
CA ALA C 112 -7.69 37.37 28.11
C ALA C 112 -6.36 38.09 28.30
N PRO C 113 -5.83 38.76 27.29
CA PRO C 113 -4.48 39.31 27.38
C PRO C 113 -4.44 40.62 28.14
N SER C 114 -3.32 40.91 28.79
CA SER C 114 -3.14 42.21 29.45
C SER C 114 -2.37 43.16 28.55
N VAL C 115 -2.93 44.33 28.28
CA VAL C 115 -2.38 45.24 27.28
C VAL C 115 -1.56 46.33 27.94
N PHE C 116 -0.36 46.55 27.44
CA PHE C 116 0.47 47.65 27.85
C PHE C 116 1.01 48.33 26.63
N ILE C 117 1.03 49.64 26.63
CA ILE C 117 1.64 50.38 25.53
C ILE C 117 2.89 51.04 26.09
N PHE C 118 3.91 51.10 25.24
CA PHE C 118 5.11 51.84 25.53
C PHE C 118 5.35 52.85 24.42
N PRO C 119 5.73 54.08 24.76
CA PRO C 119 6.02 55.07 23.73
C PRO C 119 7.50 55.07 23.43
N PRO C 120 7.95 55.75 22.39
CA PRO C 120 9.36 55.63 21.99
C PRO C 120 10.28 56.15 23.08
N SER C 121 11.56 55.81 22.96
CA SER C 121 12.54 56.16 23.97
C SER C 121 13.01 57.59 23.80
N ASP C 122 13.19 58.29 24.93
CA ASP C 122 13.73 59.64 24.86
C ASP C 122 15.06 59.64 24.14
N GLU C 123 15.93 58.70 24.48
CA GLU C 123 17.17 58.50 23.73
C GLU C 123 16.89 58.21 22.27
N GLN C 124 16.14 57.14 21.99
CA GLN C 124 15.88 56.72 20.62
C GLN C 124 15.33 57.86 19.78
N LEU C 125 14.65 58.81 20.41
CA LEU C 125 14.05 59.87 19.64
C LEU C 125 15.11 60.74 18.97
N LYS C 126 16.30 60.80 19.56
CA LYS C 126 17.40 61.50 18.90
C LYS C 126 17.73 60.87 17.54
N SER C 127 17.61 59.53 17.46
CA SER C 127 18.04 58.77 16.30
C SER C 127 17.21 59.02 15.04
N GLY C 128 16.08 59.72 15.14
CA GLY C 128 15.26 59.94 13.97
C GLY C 128 14.28 58.84 13.64
N THR C 129 14.16 57.81 14.49
CA THR C 129 13.09 56.82 14.40
C THR C 129 12.42 56.68 15.76
N ALA C 130 11.10 56.51 15.73
CA ALA C 130 10.27 56.26 16.92
C ALA C 130 9.66 54.87 16.81
N SER C 131 9.93 54.04 17.83
CA SER C 131 9.32 52.72 17.94
C SER C 131 8.31 52.75 19.06
N VAL C 132 7.05 52.52 18.72
CA VAL C 132 5.99 52.35 19.71
C VAL C 132 5.75 50.86 19.88
N VAL C 133 5.62 50.41 21.13
CA VAL C 133 5.55 48.98 21.37
C VAL C 133 4.30 48.66 22.18
N CYS C 134 3.38 47.92 21.57
CA CYS C 134 2.22 47.38 22.27
C CYS C 134 2.47 45.93 22.65
N LEU C 135 2.17 45.61 23.91
CA LEU C 135 2.40 44.30 24.52
C LEU C 135 1.09 43.69 24.96
N LEU C 136 0.90 42.41 24.64
CA LEU C 136 -0.24 41.62 25.07
C LEU C 136 0.32 40.47 25.89
N ASN C 137 -0.02 40.41 27.17
CA ASN C 137 0.66 39.49 28.08
C ASN C 137 -0.24 38.37 28.56
N ASN C 138 0.26 37.14 28.35
CA ASN C 138 -0.17 35.91 28.98
C ASN C 138 -1.65 35.61 28.66
N PHE C 139 -1.88 35.28 27.41
CA PHE C 139 -3.24 35.05 26.95
C PHE C 139 -3.32 33.66 26.32
N TYR C 140 -4.51 33.33 25.83
CA TYR C 140 -4.83 32.04 25.22
C TYR C 140 -6.23 32.16 24.69
N PRO C 141 -6.48 31.67 23.48
CA PRO C 141 -5.51 31.10 22.52
C PRO C 141 -4.67 32.14 21.74
N ARG C 142 -3.74 31.67 20.89
CA ARG C 142 -2.76 32.56 20.25
C ARG C 142 -3.44 33.64 19.39
N GLU C 143 -4.54 33.31 18.73
CA GLU C 143 -5.16 34.23 17.77
C GLU C 143 -5.61 35.50 18.46
N ALA C 144 -5.10 36.64 18.01
CA ALA C 144 -5.54 37.94 18.51
C ALA C 144 -5.27 38.99 17.44
N LYS C 145 -6.14 40.00 17.37
CA LYS C 145 -5.94 41.08 16.41
C LYS C 145 -5.43 42.31 17.16
N VAL C 146 -4.19 42.71 16.86
CA VAL C 146 -3.64 43.99 17.31
C VAL C 146 -3.81 44.99 16.19
N GLN C 147 -4.33 46.17 16.53
CA GLN C 147 -4.64 47.22 15.58
C GLN C 147 -3.94 48.50 16.02
N TRP C 148 -3.49 49.32 15.05
CA TRP C 148 -2.83 50.58 15.37
C TRP C 148 -3.63 51.73 14.78
N LYS C 149 -3.83 52.78 15.57
CA LYS C 149 -4.42 54.01 15.08
C LYS C 149 -3.64 55.19 15.64
N VAL C 150 -3.06 55.99 14.75
CA VAL C 150 -2.45 57.25 15.12
C VAL C 150 -3.47 58.36 14.88
N ASP C 151 -3.68 59.20 15.91
CA ASP C 151 -4.74 60.21 15.89
C ASP C 151 -6.02 59.58 15.36
N ASN C 152 -6.22 58.34 15.79
CA ASN C 152 -7.45 57.60 15.59
C ASN C 152 -7.72 57.29 14.11
N ALA C 153 -6.69 57.30 13.26
CA ALA C 153 -6.77 56.81 11.89
C ALA C 153 -5.95 55.53 11.74
N LEU C 154 -6.45 54.58 10.95
CA LEU C 154 -5.98 53.20 11.02
C LEU C 154 -4.67 53.01 10.25
N GLN C 155 -3.61 52.60 10.94
CA GLN C 155 -2.30 52.43 10.33
C GLN C 155 -2.19 51.06 9.69
N SER C 156 -1.54 51.00 8.53
CA SER C 156 -1.39 49.74 7.80
C SER C 156 0.03 49.62 7.24
N GLY C 157 0.73 48.56 7.62
CA GLY C 157 1.96 48.18 6.96
C GLY C 157 3.22 48.59 7.68
N ASN C 158 3.13 49.44 8.69
CA ASN C 158 4.28 49.90 9.45
C ASN C 158 4.53 49.16 10.77
N SER C 159 3.78 48.09 11.03
CA SER C 159 3.89 47.34 12.27
C SER C 159 4.41 45.92 12.02
N GLN C 160 5.09 45.37 13.02
CA GLN C 160 5.51 43.96 13.02
C GLN C 160 5.15 43.28 14.33
N GLU C 161 4.77 42.00 14.22
CA GLU C 161 4.32 41.20 15.36
C GLU C 161 5.27 40.02 15.56
N SER C 162 5.71 39.84 16.79
CA SER C 162 6.39 38.62 17.20
C SER C 162 5.61 38.01 18.36
N VAL C 163 5.69 36.69 18.55
CA VAL C 163 4.83 36.03 19.54
C VAL C 163 5.61 34.95 20.28
N THR C 164 5.37 34.85 21.59
CA THR C 164 6.01 33.86 22.45
C THR C 164 5.69 32.46 21.98
N GLU C 165 6.54 31.53 22.34
CA GLU C 165 6.11 30.15 22.29
C GLU C 165 5.40 29.81 23.60
N GLN C 166 4.38 28.96 23.52
CA GLN C 166 3.46 28.77 24.64
C GLN C 166 4.21 28.39 25.90
N ASP C 167 3.99 29.15 26.96
CA ASP C 167 4.81 28.99 28.16
C ASP C 167 4.56 27.64 28.83
N SER C 168 5.62 27.13 29.47
CA SER C 168 5.54 25.83 30.14
C SER C 168 4.57 25.86 31.32
N LYS C 169 4.72 26.83 32.23
CA LYS C 169 3.92 26.85 33.47
C LYS C 169 2.44 27.10 33.18
N ASP C 170 2.11 28.25 32.57
CA ASP C 170 0.71 28.67 32.43
C ASP C 170 0.10 28.44 31.04
N SER C 171 0.86 27.90 30.10
CA SER C 171 0.38 27.62 28.75
C SER C 171 -0.26 28.86 28.11
N THR C 172 0.44 29.98 28.21
CA THR C 172 -0.03 31.24 27.63
C THR C 172 0.96 31.81 26.63
N TYR C 173 0.45 32.13 25.45
CA TYR C 173 1.16 33.00 24.53
C TYR C 173 1.22 34.43 25.06
N SER C 174 2.26 35.17 24.65
CA SER C 174 2.31 36.64 24.74
C SER C 174 2.83 37.19 23.42
N LEU C 175 2.45 38.43 23.11
CA LEU C 175 2.66 38.97 21.76
C LEU C 175 3.17 40.40 21.85
N SER C 176 4.12 40.71 20.96
CA SER C 176 4.65 42.06 20.80
C SER C 176 4.29 42.60 19.41
N SER C 177 3.84 43.84 19.38
CA SER C 177 3.63 44.55 18.12
C SER C 177 4.38 45.87 18.19
N THR C 178 5.09 46.19 17.12
CA THR C 178 5.92 47.38 17.08
C THR C 178 5.50 48.22 15.88
N LEU C 179 5.14 49.47 16.15
CA LEU C 179 4.86 50.46 15.12
C LEU C 179 6.09 51.33 15.01
N THR C 180 6.81 51.18 13.90
CA THR C 180 8.05 51.90 13.66
C THR C 180 7.76 53.03 12.69
N LEU C 181 7.87 54.28 13.17
CA LEU C 181 7.60 55.42 12.31
C LEU C 181 8.66 56.50 12.45
N SER C 182 8.87 57.19 11.33
CA SER C 182 9.79 58.33 11.25
C SER C 182 9.49 59.34 12.35
N LYS C 183 10.54 59.79 13.03
CA LYS C 183 10.38 60.84 14.05
C LYS C 183 9.59 62.02 13.51
N ALA C 184 9.83 62.38 12.23
CA ALA C 184 9.02 63.39 11.55
C ALA C 184 7.54 63.09 11.65
N ASP C 185 7.13 61.89 11.20
CA ASP C 185 5.72 61.53 11.28
C ASP C 185 5.26 61.46 12.74
N TYR C 186 6.16 61.12 13.66
CA TYR C 186 5.75 60.90 15.04
C TYR C 186 5.33 62.20 15.71
N GLU C 187 6.00 63.31 15.40
CA GLU C 187 5.52 64.55 15.97
C GLU C 187 4.27 65.08 15.26
N LYS C 188 4.07 64.71 13.98
CA LYS C 188 2.87 65.08 13.23
C LYS C 188 1.58 64.65 13.93
N HIS C 189 1.66 63.72 14.89
CA HIS C 189 0.49 63.12 15.50
C HIS C 189 0.60 63.18 17.01
N LYS C 190 -0.54 63.01 17.67
CA LYS C 190 -0.66 63.23 19.11
C LYS C 190 -1.12 61.98 19.85
N VAL C 191 -2.29 61.43 19.51
CA VAL C 191 -2.86 60.27 20.19
C VAL C 191 -2.45 58.98 19.47
N TYR C 192 -1.73 58.13 20.20
CA TYR C 192 -1.27 56.84 19.70
C TYR C 192 -2.01 55.72 20.40
N ALA C 193 -2.55 54.77 19.62
CA ALA C 193 -3.46 53.79 20.19
C ALA C 193 -3.25 52.41 19.59
N CYS C 194 -3.16 51.43 20.49
CA CYS C 194 -3.07 50.02 20.19
C CYS C 194 -4.38 49.37 20.62
N GLU C 195 -5.11 48.79 19.68
CA GLU C 195 -6.45 48.24 19.92
C GLU C 195 -6.43 46.74 19.72
N VAL C 196 -6.58 45.99 20.81
CA VAL C 196 -6.53 44.54 20.84
C VAL C 196 -7.93 43.98 20.84
N THR C 197 -8.16 42.93 20.06
CA THR C 197 -9.39 42.16 20.17
C THR C 197 -9.02 40.69 20.29
N HIS C 198 -9.66 39.99 21.23
CA HIS C 198 -9.29 38.61 21.54
C HIS C 198 -10.49 37.90 22.12
N GLN C 199 -10.43 36.56 22.10
CA GLN C 199 -11.59 35.74 22.44
C GLN C 199 -12.01 35.93 23.90
N GLY C 200 -11.05 36.30 24.78
CA GLY C 200 -11.33 36.57 26.17
C GLY C 200 -11.75 37.99 26.53
N LEU C 201 -11.75 38.91 25.56
CA LEU C 201 -12.20 40.27 25.79
C LEU C 201 -13.64 40.44 25.31
N SER C 202 -14.50 40.94 26.21
CA SER C 202 -15.92 41.11 25.93
C SER C 202 -16.17 42.21 24.94
N SER C 203 -15.12 42.95 24.61
CA SER C 203 -15.05 43.90 23.53
C SER C 203 -13.64 44.48 23.49
N PRO C 204 -13.16 44.92 22.33
CA PRO C 204 -11.74 45.22 22.17
C PRO C 204 -11.20 46.19 23.21
N VAL C 205 -10.11 45.78 23.85
CA VAL C 205 -9.40 46.65 24.78
C VAL C 205 -8.49 47.57 23.99
N THR C 206 -8.50 48.86 24.32
CA THR C 206 -7.64 49.82 23.63
C THR C 206 -6.78 50.57 24.63
N LYS C 207 -5.48 50.64 24.34
CA LYS C 207 -4.52 51.34 25.16
C LYS C 207 -3.94 52.48 24.34
N SER C 208 -3.65 53.61 24.99
CA SER C 208 -3.28 54.81 24.22
C SER C 208 -2.46 55.76 25.08
N PHE C 209 -1.82 56.72 24.40
CA PHE C 209 -1.07 57.80 25.04
C PHE C 209 -1.05 59.01 24.11
N ASN C 210 -0.75 60.18 24.69
CA ASN C 210 -0.61 61.41 23.90
C ASN C 210 0.84 61.85 23.81
N ARG C 211 1.23 62.31 22.60
CA ARG C 211 2.64 62.44 22.22
C ARG C 211 3.46 63.12 23.31
N GLY C 212 3.03 64.29 23.73
CA GLY C 212 3.79 65.08 24.69
C GLY C 212 3.51 64.77 26.15
N GLU C 213 2.28 64.38 26.46
CA GLU C 213 1.81 64.27 27.85
C GLU C 213 2.38 63.06 28.58
N CYS C 214 3.12 62.19 27.89
CA CYS C 214 3.89 61.08 28.48
C CYS C 214 5.04 60.67 27.56
#